data_6QKX
#
_entry.id   6QKX
#
_cell.length_a   176.860
_cell.length_b   176.860
_cell.length_c   49.220
_cell.angle_alpha   90.00
_cell.angle_beta   90.00
_cell.angle_gamma   90.00
#
_symmetry.space_group_name_H-M   'I 41'
#
loop_
_entity.id
_entity.type
_entity.pdbx_description
1 polymer NCR
2 non-polymer 'IRON/SULFUR CLUSTER'
3 non-polymer 'FLAVIN-ADENINE DINUCLEOTIDE'
4 non-polymer 'FLAVIN MONONUCLEOTIDE'
5 non-polymer '~{S}-[2-[3-[[(2~{R})-4-[[[(2~{R},3~{S},4~{R},5~{R})-5-(6-aminopurin-9-yl)-4-oxidanyl-3-phosphonooxy-oxolan-2-yl]methoxy-oxidanyl-phosphoryl]oxy-oxidanyl-phosphoryl]oxy-3,3-dimethyl-2-oxidanyl-butanoyl]amino]propanoylamino]ethyl] naphthalene-2-carbothioate'
6 water water
#
_entity_poly.entity_id   1
_entity_poly.type   'polypeptide(L)'
_entity_poly.pdbx_seq_one_letter_code
;MELILTKGGVTIMYENLCKPIKIGNHLVKNRMKYAATVDNFCDTKNGNVIDREIEYLRERAKGGFGIVVSQGGYTHILGK
GYVGQMGLVEESHLPGLKKLADAINAEGAMSIGQIMHTGRYGHAHEYGIHEAIAGGKTVGPEPVGPTAMSSPIKRYSPCR
EMTPEEIEEQIQAHIVAARMFKQTGWKGVEVCAIVGYLIADFLSRWTNKRTDKWGGSLENRARFLIEILKGIRKEVGDDY
PLVMRLNSTDLIEGGNTDEEYIEIAKMCEAAVRIDLFSITVGWHESPGAAITAEKRPGDWLHLADNWKKAGIKAPICMAY
RMNQPDVAEKAVAEGRIDIWEMCRPGIADPYLPKKVCEGRPEDIVTCTACNQGCFYYVFIDAIMGCMVNPRVGNEWDPAY
AINPAAKKKKVLVVGAGPSGMECARLAAVRGHDVTIMEKSDSIGGEVKLGVKSPLLYDWAETIRYYKAQIDKLGIKLKLN
TEATADSIKAEAPDVLVIATGGKPSRPKIEGIDNKIVTNVFDILEGKVKLGDKVVFIGGNEISIQTAEYVAEQGKEVTVL
EKGKHICFDVNIFNILQHRRLMAKLNMKSMTNVTINEINDDGVEISTAGGKDVTIEADNVVVAEGMDADDALAKAVGTKI
APEVYSIGDCAGVRKLYEAIHDGYKMGVKIRGSLEVDLQGDHGLSAWSHPQFEKGGGSGGGSGGGSWSHPQFEK
;
_entity_poly.pdbx_strand_id   A
#
# COMPACT_ATOMS: atom_id res chain seq x y z
N MET A 13 26.43 5.99 -8.53
CA MET A 13 25.13 6.22 -9.16
C MET A 13 24.29 7.17 -8.28
N TYR A 14 23.47 6.62 -7.39
CA TYR A 14 22.62 7.44 -6.51
C TYR A 14 23.48 7.93 -5.36
N GLU A 15 24.30 8.95 -5.67
CA GLU A 15 25.24 9.50 -4.71
C GLU A 15 24.53 10.20 -3.55
N ASN A 16 23.63 11.14 -3.86
CA ASN A 16 22.95 11.90 -2.82
C ASN A 16 22.12 11.02 -1.90
N LEU A 17 21.32 10.11 -2.47
CA LEU A 17 20.51 9.23 -1.63
C LEU A 17 21.35 8.40 -0.67
N CYS A 18 22.61 8.16 -0.99
CA CYS A 18 23.49 7.36 -0.14
C CYS A 18 24.36 8.21 0.77
N LYS A 19 24.22 9.53 0.72
CA LYS A 19 25.00 10.42 1.58
C LYS A 19 24.61 10.25 3.05
N PRO A 20 25.56 10.37 3.96
CA PRO A 20 25.22 10.28 5.38
C PRO A 20 24.58 11.58 5.85
N ILE A 21 24.08 11.56 7.08
CA ILE A 21 23.44 12.73 7.67
C ILE A 21 23.33 12.51 9.16
N LYS A 22 23.54 13.57 9.93
CA LYS A 22 23.40 13.50 11.38
C LYS A 22 22.01 13.94 11.77
N ILE A 23 21.34 13.08 12.53
CA ILE A 23 20.01 13.36 13.07
C ILE A 23 20.25 13.50 14.56
N GLY A 24 20.37 14.73 15.02
CA GLY A 24 20.65 14.99 16.42
C GLY A 24 22.11 14.64 16.63
N ASN A 25 22.37 13.71 17.54
CA ASN A 25 23.73 13.26 17.83
C ASN A 25 24.07 11.96 17.15
N HIS A 26 23.11 11.32 16.48
CA HIS A 26 23.31 10.05 15.83
C HIS A 26 23.50 10.25 14.33
N LEU A 27 24.56 9.63 13.79
CA LEU A 27 24.88 9.71 12.38
C LEU A 27 24.12 8.62 11.63
N VAL A 28 23.50 8.99 10.51
CA VAL A 28 22.73 8.07 9.67
C VAL A 28 23.54 7.78 8.42
N LYS A 29 23.72 6.49 8.11
CA LYS A 29 24.55 6.09 6.98
C LYS A 29 24.01 6.51 5.62
N ASN A 30 22.69 6.66 5.45
CA ASN A 30 22.17 7.07 4.13
C ASN A 30 20.98 8.00 4.33
N ARG A 31 20.43 8.48 3.20
CA ARG A 31 19.31 9.40 3.21
C ARG A 31 17.97 8.71 2.94
N MET A 32 17.87 7.41 3.21
CA MET A 32 16.65 6.65 2.97
C MET A 32 16.06 6.18 4.29
N LYS A 33 14.81 6.61 4.54
CA LYS A 33 14.08 6.30 5.76
C LYS A 33 12.86 5.45 5.50
N TYR A 34 12.67 4.41 6.32
CA TYR A 34 11.49 3.55 6.25
C TYR A 34 10.51 4.12 7.27
N ALA A 35 9.38 4.64 6.79
CA ALA A 35 8.41 5.28 7.66
C ALA A 35 7.61 4.30 8.51
N ALA A 36 7.02 4.84 9.57
CA ALA A 36 6.20 4.08 10.50
C ALA A 36 5.09 3.36 9.74
N THR A 37 4.91 2.08 10.04
CA THR A 37 3.92 1.28 9.34
C THR A 37 3.15 0.33 10.26
N VAL A 38 1.98 0.77 10.72
CA VAL A 38 1.15 -0.13 11.53
C VAL A 38 0.73 -1.27 10.60
N ASP A 39 0.96 -2.50 11.04
CA ASP A 39 0.67 -3.66 10.21
C ASP A 39 -0.11 -4.76 10.91
N ASN A 40 -0.62 -4.52 12.11
CA ASN A 40 -1.36 -5.53 12.85
C ASN A 40 -0.53 -6.78 13.09
N PHE A 41 0.79 -6.66 13.01
CA PHE A 41 1.65 -7.79 13.27
C PHE A 41 1.81 -8.01 14.77
N CYS A 42 1.51 -6.99 15.57
CA CYS A 42 1.64 -7.10 17.01
C CYS A 42 0.47 -7.92 17.58
N ASP A 43 0.62 -8.34 18.83
CA ASP A 43 -0.40 -9.12 19.50
C ASP A 43 -1.63 -8.23 19.72
N THR A 44 -2.73 -8.58 19.06
CA THR A 44 -3.97 -7.81 19.13
C THR A 44 -4.57 -7.77 20.53
N LYS A 45 -4.16 -8.70 21.40
CA LYS A 45 -4.68 -8.78 22.76
C LYS A 45 -4.14 -7.67 23.66
N ASN A 46 -2.86 -7.34 23.54
CA ASN A 46 -2.25 -6.36 24.42
C ASN A 46 -1.26 -5.39 23.79
N GLY A 47 -1.06 -5.43 22.48
CA GLY A 47 -0.14 -4.49 21.86
C GLY A 47 1.33 -4.81 22.01
N ASN A 48 1.70 -5.99 22.51
CA ASN A 48 3.10 -6.30 22.64
C ASN A 48 3.70 -6.63 21.27
N VAL A 49 4.99 -6.40 21.14
CA VAL A 49 5.70 -6.70 19.90
C VAL A 49 6.00 -8.19 19.89
N ILE A 50 5.82 -8.85 18.74
CA ILE A 50 6.05 -10.27 18.60
C ILE A 50 6.97 -10.53 17.42
N ASP A 51 7.41 -11.79 17.29
CA ASP A 51 8.33 -12.18 16.24
C ASP A 51 7.93 -11.65 14.87
N ARG A 52 6.65 -11.81 14.50
CA ARG A 52 6.20 -11.34 13.19
C ARG A 52 6.61 -9.89 12.94
N GLU A 53 6.43 -9.03 13.94
CA GLU A 53 6.80 -7.63 13.75
C GLU A 53 8.31 -7.44 13.85
N ILE A 54 8.95 -8.21 14.74
CA ILE A 54 10.40 -8.12 14.89
C ILE A 54 11.10 -8.50 13.59
N GLU A 55 10.73 -9.65 13.04
CA GLU A 55 11.37 -10.07 11.79
C GLU A 55 10.98 -9.16 10.65
N TYR A 56 9.79 -8.57 10.71
CA TYR A 56 9.37 -7.68 9.65
C TYR A 56 10.32 -6.49 9.57
N LEU A 57 10.42 -5.72 10.65
CA LEU A 57 11.29 -4.55 10.63
C LEU A 57 12.75 -4.95 10.53
N ARG A 58 13.12 -6.14 11.01
CA ARG A 58 14.52 -6.55 10.90
C ARG A 58 14.95 -6.58 9.44
N GLU A 59 14.09 -7.11 8.56
CA GLU A 59 14.46 -7.18 7.15
C GLU A 59 14.55 -5.80 6.53
N ARG A 60 13.71 -4.85 6.97
CA ARG A 60 13.82 -3.51 6.45
C ARG A 60 15.15 -2.91 6.90
N ALA A 61 15.61 -3.27 8.09
CA ALA A 61 16.91 -2.80 8.58
C ALA A 61 18.03 -3.46 7.79
N LYS A 62 17.93 -4.79 7.58
CA LYS A 62 18.95 -5.48 6.79
C LYS A 62 19.01 -4.89 5.38
N GLY A 63 17.88 -4.42 4.86
CA GLY A 63 17.77 -3.85 3.53
C GLY A 63 18.62 -2.63 3.28
N GLY A 64 19.15 -2.00 4.34
CA GLY A 64 20.00 -0.83 4.19
C GLY A 64 19.39 0.49 4.59
N PHE A 65 18.14 0.52 5.04
CA PHE A 65 17.52 1.78 5.43
C PHE A 65 18.33 2.45 6.53
N GLY A 66 18.75 3.70 6.28
CA GLY A 66 19.51 4.42 7.28
C GLY A 66 18.71 4.67 8.55
N ILE A 67 17.39 4.76 8.43
CA ILE A 67 16.48 4.99 9.55
C ILE A 67 15.29 4.06 9.39
N VAL A 68 14.92 3.37 10.47
CA VAL A 68 13.77 2.48 10.49
C VAL A 68 12.89 2.91 11.65
N VAL A 69 11.68 3.34 11.34
CA VAL A 69 10.75 3.79 12.36
C VAL A 69 9.76 2.68 12.64
N SER A 70 9.39 2.52 13.91
CA SER A 70 8.40 1.53 14.29
C SER A 70 7.02 2.05 13.92
N GLN A 71 6.00 1.22 14.11
CA GLN A 71 4.65 1.68 13.83
C GLN A 71 4.22 2.66 14.90
N GLY A 72 3.14 3.39 14.63
CA GLY A 72 2.62 4.33 15.59
C GLY A 72 2.11 3.56 16.80
N GLY A 73 2.70 3.83 17.96
CA GLY A 73 2.29 3.15 19.19
C GLY A 73 1.22 3.95 19.91
N TYR A 74 0.18 3.26 20.36
CA TYR A 74 -0.92 3.92 21.05
C TYR A 74 -0.58 4.16 22.51
N THR A 75 -0.81 5.40 22.97
CA THR A 75 -0.53 5.80 24.34
C THR A 75 -1.66 5.53 25.31
N HIS A 76 -2.80 5.04 24.84
CA HIS A 76 -3.94 4.77 25.70
C HIS A 76 -4.91 3.88 24.93
N ILE A 77 -5.53 2.93 25.63
CA ILE A 77 -6.46 2.00 24.97
C ILE A 77 -7.45 2.76 24.09
N LEU A 78 -7.99 3.87 24.60
CA LEU A 78 -8.96 4.63 23.81
C LEU A 78 -8.35 5.15 22.52
N GLY A 79 -7.03 5.17 22.42
CA GLY A 79 -6.30 5.61 21.26
C GLY A 79 -5.86 4.50 20.32
N LYS A 80 -6.39 3.30 20.48
CA LYS A 80 -6.05 2.18 19.60
C LYS A 80 -6.97 2.25 18.39
N GLY A 81 -6.37 2.41 17.20
CA GLY A 81 -7.13 2.51 15.97
C GLY A 81 -6.98 1.37 15.01
N TYR A 82 -6.25 0.32 15.39
CA TYR A 82 -6.02 -0.85 14.55
C TYR A 82 -5.98 -2.06 15.47
N VAL A 83 -6.67 -3.12 15.07
CA VAL A 83 -6.81 -4.34 15.88
C VAL A 83 -5.48 -4.82 16.46
N GLY A 84 -4.36 -4.59 15.78
CA GLY A 84 -3.08 -5.05 16.27
C GLY A 84 -2.00 -3.99 16.39
N GLN A 85 -2.37 -2.80 16.81
CA GLN A 85 -1.42 -1.71 16.93
C GLN A 85 -0.49 -1.90 18.13
N MET A 86 0.80 -1.59 17.92
CA MET A 86 1.78 -1.68 18.98
C MET A 86 1.33 -0.79 20.14
N GLY A 87 1.64 -1.23 21.35
CA GLY A 87 1.24 -0.52 22.56
C GLY A 87 2.42 0.14 23.25
N LEU A 88 2.14 1.32 23.83
CA LEU A 88 3.11 2.12 24.56
C LEU A 88 2.47 2.62 25.85
N VAL A 89 1.88 1.71 26.62
CA VAL A 89 1.15 2.08 27.84
C VAL A 89 1.80 1.60 29.14
N GLU A 90 1.93 0.28 29.32
CA GLU A 90 2.44 -0.30 30.55
C GLU A 90 3.77 -1.01 30.35
N GLU A 91 4.33 -1.47 31.47
CA GLU A 91 5.63 -2.14 31.51
C GLU A 91 5.63 -3.47 30.76
N SER A 92 4.45 -4.05 30.50
CA SER A 92 4.42 -5.31 29.79
C SER A 92 4.85 -5.16 28.34
N HIS A 93 5.03 -3.93 27.87
CA HIS A 93 5.45 -3.66 26.49
C HIS A 93 6.94 -3.43 26.36
N LEU A 94 7.68 -3.40 27.49
CA LEU A 94 9.12 -3.14 27.40
C LEU A 94 9.91 -4.29 26.81
N PRO A 95 9.71 -5.55 27.22
CA PRO A 95 10.50 -6.62 26.61
C PRO A 95 10.43 -6.63 25.10
N GLY A 96 9.24 -6.46 24.53
CA GLY A 96 9.12 -6.44 23.08
C GLY A 96 9.79 -5.24 22.46
N LEU A 97 9.72 -4.08 23.13
CA LEU A 97 10.34 -2.88 22.60
C LEU A 97 11.86 -3.00 22.56
N LYS A 98 12.45 -3.62 23.58
CA LYS A 98 13.90 -3.80 23.60
C LYS A 98 14.32 -4.76 22.50
N LYS A 99 13.59 -5.86 22.35
CA LYS A 99 13.91 -6.84 21.32
C LYS A 99 13.84 -6.22 19.93
N LEU A 100 12.80 -5.44 19.65
CA LEU A 100 12.66 -4.82 18.34
C LEU A 100 13.77 -3.80 18.10
N ALA A 101 14.12 -3.02 19.12
CA ALA A 101 15.18 -2.04 18.96
C ALA A 101 16.52 -2.70 18.63
N ASP A 102 16.85 -3.78 19.34
CA ASP A 102 18.10 -4.48 19.07
C ASP A 102 18.11 -5.04 17.66
N ALA A 103 16.99 -5.59 17.20
CA ALA A 103 16.93 -6.16 15.86
C ALA A 103 17.28 -5.11 14.82
N ILE A 104 16.80 -3.89 15.00
CA ILE A 104 17.06 -2.82 14.05
C ILE A 104 18.47 -2.26 14.22
N ASN A 105 18.86 -1.99 15.47
CA ASN A 105 20.19 -1.43 15.72
C ASN A 105 21.29 -2.37 15.24
N ALA A 106 21.09 -3.68 15.41
CA ALA A 106 22.11 -4.64 15.01
C ALA A 106 22.43 -4.54 13.53
N GLU A 107 21.48 -4.12 12.70
CA GLU A 107 21.69 -4.01 11.26
C GLU A 107 22.28 -2.68 10.82
N GLY A 108 22.68 -1.83 11.75
CA GLY A 108 23.25 -0.55 11.39
C GLY A 108 22.25 0.53 11.03
N ALA A 109 20.99 0.40 11.43
CA ALA A 109 19.97 1.38 11.14
C ALA A 109 19.61 2.15 12.42
N MET A 110 19.22 3.40 12.24
CA MET A 110 18.82 4.23 13.37
C MET A 110 17.38 3.89 13.73
N SER A 111 17.19 3.21 14.85
CA SER A 111 15.85 2.84 15.27
C SER A 111 15.16 4.06 15.86
N ILE A 112 13.90 4.25 15.50
CA ILE A 112 13.10 5.35 16.01
C ILE A 112 11.72 4.82 16.34
N GLY A 113 11.24 5.17 17.53
CA GLY A 113 9.93 4.75 17.98
C GLY A 113 8.94 5.89 17.75
N GLN A 114 7.78 5.53 17.22
CA GLN A 114 6.76 6.51 16.93
C GLN A 114 5.65 6.42 17.98
N ILE A 115 5.20 7.59 18.44
CA ILE A 115 4.15 7.69 19.44
C ILE A 115 2.91 8.18 18.71
N MET A 116 1.86 7.37 18.67
CA MET A 116 0.66 7.72 17.91
C MET A 116 -0.67 7.36 18.57
N HIS A 117 -1.33 8.35 19.14
CA HIS A 117 -2.67 8.19 19.71
C HIS A 117 -3.62 8.47 18.55
N THR A 118 -4.48 7.52 18.18
CA THR A 118 -5.36 7.72 17.03
C THR A 118 -6.47 8.73 17.28
N GLY A 119 -6.79 9.04 18.52
CA GLY A 119 -7.81 10.03 18.83
C GLY A 119 -9.17 9.77 18.20
N ARG A 120 -9.64 10.69 17.37
CA ARG A 120 -10.95 10.57 16.75
C ARG A 120 -11.10 9.29 15.92
N TYR A 121 -10.00 8.70 15.48
CA TYR A 121 -10.08 7.48 14.68
C TYR A 121 -9.96 6.23 15.55
N GLY A 122 -10.09 6.36 16.87
CA GLY A 122 -10.00 5.20 17.72
C GLY A 122 -11.19 4.27 17.57
N HIS A 123 -10.94 2.98 17.78
CA HIS A 123 -11.97 1.96 17.66
C HIS A 123 -11.98 1.04 18.87
N ALA A 124 -11.62 1.57 20.05
CA ALA A 124 -11.58 0.75 21.25
C ALA A 124 -12.78 -0.18 21.38
N HIS A 125 -13.99 0.37 21.20
CA HIS A 125 -15.19 -0.45 21.32
C HIS A 125 -15.18 -1.60 20.32
N GLU A 126 -14.77 -1.34 19.08
CA GLU A 126 -14.76 -2.40 18.07
C GLU A 126 -13.79 -3.50 18.45
N TYR A 127 -12.75 -3.19 19.22
CA TYR A 127 -11.76 -4.18 19.62
C TYR A 127 -12.10 -4.87 20.95
N GLY A 128 -13.32 -4.67 21.45
CA GLY A 128 -13.76 -5.31 22.67
C GLY A 128 -13.55 -4.55 23.96
N ILE A 129 -13.37 -3.24 23.92
CA ILE A 129 -13.18 -2.44 25.13
C ILE A 129 -14.55 -2.02 25.66
N HIS A 130 -14.90 -2.48 26.86
CA HIS A 130 -16.17 -2.15 27.46
C HIS A 130 -16.12 -0.84 28.25
N GLU A 131 -15.00 -0.56 28.92
CA GLU A 131 -14.84 0.67 29.69
C GLU A 131 -13.37 0.88 29.98
N ALA A 132 -13.00 2.12 30.30
CA ALA A 132 -11.62 2.44 30.58
C ALA A 132 -11.53 3.64 31.51
N ILE A 133 -10.31 3.91 31.97
CA ILE A 133 -10.01 5.01 32.88
C ILE A 133 -9.31 6.11 32.09
N ALA A 134 -9.74 7.36 32.33
CA ALA A 134 -9.15 8.50 31.63
C ALA A 134 -9.38 9.74 32.47
N GLY A 135 -8.30 10.41 32.85
CA GLY A 135 -8.43 11.60 33.67
C GLY A 135 -8.96 11.30 35.06
N GLY A 136 -8.66 10.13 35.60
CA GLY A 136 -9.09 9.76 36.92
C GLY A 136 -10.55 9.41 37.06
N LYS A 137 -11.23 9.06 35.97
CA LYS A 137 -12.64 8.71 36.02
C LYS A 137 -12.91 7.63 34.98
N THR A 138 -13.99 6.89 35.20
CA THR A 138 -14.38 5.84 34.27
C THR A 138 -15.11 6.48 33.09
N VAL A 139 -14.83 5.98 31.88
CA VAL A 139 -15.43 6.50 30.66
C VAL A 139 -15.86 5.33 29.79
N GLY A 140 -16.44 5.66 28.64
CA GLY A 140 -16.87 4.68 27.68
C GLY A 140 -15.76 4.42 26.69
N PRO A 141 -15.91 3.39 25.86
CA PRO A 141 -14.87 3.04 24.88
C PRO A 141 -14.83 3.95 23.66
N GLU A 142 -15.70 4.94 23.56
CA GLU A 142 -15.72 5.81 22.38
C GLU A 142 -14.40 6.58 22.25
N PRO A 143 -14.04 6.98 21.02
CA PRO A 143 -12.80 7.73 20.84
C PRO A 143 -12.91 9.11 21.46
N VAL A 144 -11.75 9.72 21.68
CA VAL A 144 -11.70 11.04 22.32
C VAL A 144 -11.08 12.06 21.38
N GLY A 145 -11.43 13.33 21.63
CA GLY A 145 -10.94 14.44 20.86
C GLY A 145 -11.08 15.74 21.62
N PRO A 146 -10.56 16.83 21.05
CA PRO A 146 -10.69 18.13 21.72
C PRO A 146 -12.12 18.63 21.76
N THR A 147 -12.96 18.12 20.86
CA THR A 147 -14.35 18.50 20.76
C THR A 147 -15.16 17.27 20.44
N ALA A 148 -16.30 17.12 21.10
CA ALA A 148 -17.16 15.97 20.85
C ALA A 148 -17.88 16.23 19.52
N MET A 149 -17.83 15.26 18.60
CA MET A 149 -18.47 15.44 17.32
C MET A 149 -18.50 14.09 16.61
N SER A 150 -19.26 14.06 15.52
CA SER A 150 -19.41 12.88 14.68
C SER A 150 -18.59 13.05 13.41
N SER A 151 -18.23 11.90 12.78
CA SER A 151 -17.45 11.90 11.55
C SER A 151 -18.36 11.97 10.33
N PRO A 152 -17.89 12.55 9.22
CA PRO A 152 -18.74 12.57 8.02
C PRO A 152 -18.93 11.18 7.43
N ILE A 153 -17.97 10.29 7.64
CA ILE A 153 -18.04 8.93 7.15
C ILE A 153 -18.39 8.01 8.30
N LYS A 154 -18.86 6.81 7.96
CA LYS A 154 -19.30 5.84 8.95
C LYS A 154 -18.16 5.06 9.62
N ARG A 155 -16.98 5.00 9.01
CA ARG A 155 -15.87 4.25 9.60
C ARG A 155 -15.53 4.72 11.01
N TYR A 156 -15.51 6.02 11.22
CA TYR A 156 -15.16 6.59 12.52
C TYR A 156 -16.43 6.95 13.27
N SER A 157 -16.50 6.52 14.54
CA SER A 157 -17.64 6.73 15.41
C SER A 157 -17.53 8.06 16.15
N PRO A 158 -18.65 8.56 16.69
CA PRO A 158 -18.63 9.85 17.40
C PRO A 158 -17.67 9.84 18.58
N CYS A 159 -16.94 10.94 18.72
CA CYS A 159 -15.96 11.09 19.79
C CYS A 159 -16.53 11.85 20.97
N ARG A 160 -15.81 11.77 22.08
CA ARG A 160 -16.16 12.42 23.33
C ARG A 160 -15.17 13.54 23.62
N GLU A 161 -15.68 14.65 24.16
CA GLU A 161 -14.81 15.77 24.49
C GLU A 161 -13.92 15.37 25.65
N MET A 162 -12.63 15.69 25.54
CA MET A 162 -11.67 15.36 26.58
C MET A 162 -11.70 16.37 27.71
N THR A 163 -11.70 15.90 28.94
CA THR A 163 -11.67 16.81 30.07
C THR A 163 -10.27 17.42 30.12
N PRO A 164 -10.13 18.59 30.74
CA PRO A 164 -8.78 19.17 30.84
C PRO A 164 -7.82 18.21 31.52
N GLU A 165 -8.34 17.36 32.41
CA GLU A 165 -7.49 16.39 33.10
C GLU A 165 -6.98 15.34 32.12
N GLU A 166 -7.84 14.87 31.19
CA GLU A 166 -7.40 13.88 30.23
C GLU A 166 -6.31 14.46 29.33
N ILE A 167 -6.42 15.74 29.00
CA ILE A 167 -5.43 16.38 28.14
C ILE A 167 -4.07 16.39 28.84
N GLU A 168 -4.04 16.83 30.10
CA GLU A 168 -2.79 16.81 30.85
C GLU A 168 -2.27 15.39 30.92
N GLU A 169 -3.18 14.44 31.15
CA GLU A 169 -2.81 13.03 31.25
C GLU A 169 -2.12 12.55 29.98
N GLN A 170 -2.71 12.85 28.81
CA GLN A 170 -2.10 12.40 27.56
C GLN A 170 -0.78 13.09 27.29
N ILE A 171 -0.57 14.30 27.81
CA ILE A 171 0.74 14.92 27.65
C ILE A 171 1.77 14.04 28.35
N GLN A 172 1.41 13.55 29.54
CA GLN A 172 2.30 12.69 30.31
C GLN A 172 2.46 11.34 29.64
N ALA A 173 1.37 10.77 29.11
CA ALA A 173 1.49 9.48 28.43
C ALA A 173 2.48 9.55 27.30
N HIS A 174 2.54 10.68 26.59
CA HIS A 174 3.52 10.82 25.53
C HIS A 174 4.91 10.88 26.12
N ILE A 175 5.07 11.61 27.22
CA ILE A 175 6.37 11.66 27.88
C ILE A 175 6.78 10.27 28.32
N VAL A 176 5.86 9.53 28.95
CA VAL A 176 6.18 8.18 29.36
C VAL A 176 6.47 7.31 28.15
N ALA A 177 5.68 7.45 27.08
CA ALA A 177 5.93 6.65 25.88
C ALA A 177 7.34 6.90 25.36
N ALA A 178 7.78 8.15 25.34
CA ALA A 178 9.13 8.46 24.88
C ALA A 178 10.16 7.81 25.78
N ARG A 179 9.86 7.70 27.07
CA ARG A 179 10.77 7.07 28.03
C ARG A 179 10.91 5.60 27.72
N MET A 180 9.79 4.92 27.49
CA MET A 180 9.81 3.50 27.18
C MET A 180 10.71 3.22 25.98
N PHE A 181 10.68 4.10 24.98
CA PHE A 181 11.53 3.89 23.81
C PHE A 181 13.00 4.08 24.16
N LYS A 182 13.35 5.26 24.68
CA LYS A 182 14.74 5.57 25.02
C LYS A 182 15.36 4.55 25.96
N GLN A 183 14.62 4.12 26.99
CA GLN A 183 15.18 3.17 27.94
C GLN A 183 15.28 1.76 27.37
N THR A 184 14.79 1.52 26.16
CA THR A 184 14.86 0.20 25.54
C THR A 184 15.78 0.18 24.32
N GLY A 185 16.72 1.12 24.24
CA GLY A 185 17.69 1.16 23.16
C GLY A 185 17.31 1.93 21.92
N TRP A 186 16.08 2.42 21.82
CA TRP A 186 15.70 3.17 20.63
C TRP A 186 16.61 4.39 20.50
N LYS A 187 17.08 4.63 19.26
CA LYS A 187 17.99 5.74 19.02
C LYS A 187 17.29 7.09 18.89
N GLY A 188 15.97 7.12 18.78
CA GLY A 188 15.24 8.38 18.66
C GLY A 188 13.75 8.14 18.82
N VAL A 189 13.03 9.24 19.04
CA VAL A 189 11.59 9.20 19.22
C VAL A 189 10.93 10.18 18.25
N GLU A 190 9.83 9.74 17.64
CA GLU A 190 9.09 10.53 16.66
C GLU A 190 7.65 10.72 17.14
N VAL A 191 7.18 11.95 17.07
CA VAL A 191 5.82 12.27 17.50
C VAL A 191 4.94 12.31 16.25
N CYS A 192 3.88 11.52 16.25
CA CYS A 192 2.96 11.45 15.11
C CYS A 192 1.82 12.43 15.31
N ALA A 193 1.84 13.54 14.58
CA ALA A 193 0.84 14.60 14.68
C ALA A 193 0.24 14.89 13.31
N ILE A 194 -0.21 13.83 12.63
CA ILE A 194 -0.72 13.89 11.26
C ILE A 194 -2.13 13.30 11.11
N VAL A 195 -2.42 12.89 9.88
CA VAL A 195 -3.65 12.52 9.18
C VAL A 195 -5.01 12.57 9.87
N GLY A 196 -5.07 12.86 11.15
CA GLY A 196 -6.38 12.92 11.78
C GLY A 196 -6.41 12.31 13.16
N TYR A 197 -5.22 11.96 13.63
CA TYR A 197 -5.09 11.37 14.94
C TYR A 197 -5.28 12.46 16.01
N LEU A 198 -5.11 12.08 17.27
CA LEU A 198 -5.38 12.98 18.40
C LEU A 198 -4.70 14.34 18.29
N ILE A 199 -3.37 14.38 18.16
CA ILE A 199 -2.69 15.67 18.09
C ILE A 199 -3.22 16.50 16.94
N ALA A 200 -3.28 15.90 15.74
CA ALA A 200 -3.80 16.62 14.59
C ALA A 200 -5.20 17.14 14.89
N ASP A 201 -5.98 16.39 15.67
CA ASP A 201 -7.32 16.83 16.01
C ASP A 201 -7.29 18.16 16.76
N PHE A 202 -6.26 18.38 17.60
CA PHE A 202 -6.25 19.67 18.30
C PHE A 202 -5.72 20.78 17.39
N LEU A 203 -4.82 20.46 16.48
CA LEU A 203 -4.26 21.46 15.59
C LEU A 203 -5.28 22.01 14.61
N SER A 204 -6.29 21.22 14.24
CA SER A 204 -7.26 21.60 13.22
C SER A 204 -8.44 22.42 13.74
N ARG A 205 -8.76 23.50 13.03
CA ARG A 205 -9.90 24.34 13.40
C ARG A 205 -11.20 23.62 13.13
N TRP A 206 -11.16 22.54 12.34
CA TRP A 206 -12.38 21.80 12.05
C TRP A 206 -12.75 20.86 13.19
N THR A 207 -11.76 20.22 13.78
CA THR A 207 -12.01 19.29 14.87
C THR A 207 -11.82 19.90 16.26
N ASN A 208 -11.07 21.00 16.36
CA ASN A 208 -10.83 21.65 17.66
C ASN A 208 -11.71 22.88 17.74
N LYS A 209 -12.81 22.77 18.48
CA LYS A 209 -13.75 23.86 18.68
C LYS A 209 -13.64 24.43 20.10
N ARG A 210 -12.63 24.00 20.86
CA ARG A 210 -12.45 24.43 22.23
C ARG A 210 -12.18 25.93 22.33
N THR A 211 -12.40 26.47 23.53
CA THR A 211 -12.18 27.87 23.80
C THR A 211 -11.25 28.10 24.98
N ASP A 212 -10.80 27.03 25.64
CA ASP A 212 -9.87 27.17 26.75
C ASP A 212 -8.48 27.30 26.14
N LYS A 213 -7.43 27.13 26.95
CA LYS A 213 -6.07 27.27 26.46
C LYS A 213 -5.71 26.24 25.39
N TRP A 214 -6.53 25.22 25.18
CA TRP A 214 -6.22 24.18 24.22
C TRP A 214 -6.88 24.40 22.86
N GLY A 215 -7.62 25.49 22.68
CA GLY A 215 -8.27 25.71 21.41
C GLY A 215 -8.46 27.19 21.10
N GLY A 216 -9.00 27.45 19.91
CA GLY A 216 -9.26 28.80 19.48
C GLY A 216 -8.25 29.28 18.45
N SER A 217 -7.32 30.12 18.89
CA SER A 217 -6.30 30.64 17.99
C SER A 217 -5.34 29.53 17.58
N LEU A 218 -4.53 29.82 16.56
CA LEU A 218 -3.56 28.83 16.11
C LEU A 218 -2.59 28.47 17.23
N GLU A 219 -2.29 29.44 18.10
CA GLU A 219 -1.38 29.18 19.21
C GLU A 219 -1.98 28.18 20.19
N ASN A 220 -3.25 28.38 20.58
CA ASN A 220 -3.87 27.45 21.53
C ASN A 220 -4.09 26.08 20.92
N ARG A 221 -4.43 26.03 19.62
CA ARG A 221 -4.67 24.73 18.98
C ARG A 221 -3.39 23.91 18.95
N ALA A 222 -2.23 24.56 18.93
CA ALA A 222 -0.94 23.89 18.89
C ALA A 222 -0.35 23.71 20.28
N ARG A 223 -1.05 24.13 21.33
CA ARG A 223 -0.51 24.01 22.68
C ARG A 223 -0.30 22.54 23.05
N PHE A 224 -1.26 21.69 22.72
CA PHE A 224 -1.14 20.27 23.03
C PHE A 224 0.15 19.70 22.45
N LEU A 225 0.42 19.97 21.17
CA LEU A 225 1.63 19.46 20.54
C LEU A 225 2.89 20.03 21.18
N ILE A 226 2.89 21.34 21.44
CA ILE A 226 4.08 21.97 22.03
C ILE A 226 4.35 21.42 23.43
N GLU A 227 3.30 21.23 24.22
CA GLU A 227 3.54 20.69 25.56
C GLU A 227 4.04 19.26 25.48
N ILE A 228 3.65 18.53 24.43
CA ILE A 228 4.14 17.17 24.27
C ILE A 228 5.61 17.21 23.89
N LEU A 229 6.00 18.15 23.03
CA LEU A 229 7.39 18.27 22.61
C LEU A 229 8.28 18.72 23.78
N LYS A 230 7.84 19.75 24.52
CA LYS A 230 8.63 20.23 25.65
C LYS A 230 8.77 19.15 26.71
N GLY A 231 7.67 18.50 27.05
CA GLY A 231 7.73 17.45 28.06
C GLY A 231 8.67 16.33 27.68
N ILE A 232 8.64 15.89 26.42
CA ILE A 232 9.52 14.81 25.99
C ILE A 232 10.97 15.29 25.94
N ARG A 233 11.20 16.54 25.52
CA ARG A 233 12.57 17.04 25.48
C ARG A 233 13.21 17.00 26.87
N LYS A 234 12.46 17.39 27.91
CA LYS A 234 13.01 17.35 29.26
C LYS A 234 13.27 15.91 29.70
N GLU A 235 12.40 14.99 29.29
CA GLU A 235 12.55 13.59 29.65
C GLU A 235 13.76 12.93 29.00
N VAL A 236 13.90 13.11 27.68
CA VAL A 236 15.00 12.46 26.97
C VAL A 236 16.31 13.22 27.08
N GLY A 237 16.28 14.53 27.26
CA GLY A 237 17.51 15.30 27.34
C GLY A 237 17.82 15.98 26.01
N ASP A 238 18.72 16.96 26.09
CA ASP A 238 19.10 17.74 24.91
C ASP A 238 19.87 16.96 23.86
N ASP A 239 20.35 15.75 24.16
CA ASP A 239 21.12 14.99 23.18
C ASP A 239 20.31 14.00 22.38
N TYR A 240 19.28 13.41 22.99
CA TYR A 240 18.49 12.39 22.32
C TYR A 240 17.77 12.93 21.08
N PRO A 241 17.77 12.19 19.97
CA PRO A 241 17.07 12.67 18.78
C PRO A 241 15.56 12.70 19.00
N LEU A 242 14.96 13.84 18.64
CA LEU A 242 13.52 14.05 18.77
C LEU A 242 13.03 14.57 17.43
N VAL A 243 12.19 13.79 16.75
CA VAL A 243 11.66 14.14 15.44
C VAL A 243 10.15 14.03 15.50
N MET A 244 9.49 14.38 14.40
CA MET A 244 8.03 14.33 14.37
C MET A 244 7.50 14.31 12.95
N ARG A 245 6.20 14.02 12.85
CA ARG A 245 5.50 14.00 11.57
C ARG A 245 4.40 15.05 11.68
N LEU A 246 4.37 15.96 10.71
CA LEU A 246 3.40 17.04 10.68
C LEU A 246 2.86 17.21 9.27
N ASN A 247 1.55 17.41 9.15
CA ASN A 247 0.95 17.60 7.85
C ASN A 247 1.47 18.88 7.21
N SER A 248 1.58 18.84 5.88
CA SER A 248 1.96 19.99 5.08
C SER A 248 0.73 20.60 4.42
N THR A 249 -0.34 19.82 4.36
CA THR A 249 -1.64 20.15 3.81
C THR A 249 -2.54 19.03 4.32
N ASP A 250 -3.67 19.36 4.92
CA ASP A 250 -4.56 18.33 5.43
C ASP A 250 -5.66 17.95 4.45
N LEU A 251 -5.79 18.68 3.33
CA LEU A 251 -6.81 18.39 2.31
C LEU A 251 -8.19 18.23 2.93
N ILE A 252 -8.52 19.09 3.88
CA ILE A 252 -9.81 19.07 4.57
C ILE A 252 -10.46 20.42 4.38
N GLU A 253 -11.66 20.43 3.80
CA GLU A 253 -12.38 21.68 3.63
C GLU A 253 -12.78 22.14 5.02
N GLY A 254 -12.29 23.32 5.42
CA GLY A 254 -12.55 23.85 6.74
C GLY A 254 -11.46 23.55 7.74
N GLY A 255 -10.39 22.87 7.34
CA GLY A 255 -9.28 22.54 8.22
C GLY A 255 -8.26 23.67 8.21
N ASN A 256 -7.00 23.33 8.47
CA ASN A 256 -5.98 24.35 8.47
C ASN A 256 -5.37 24.51 7.08
N THR A 257 -4.86 25.70 6.82
CA THR A 257 -4.25 26.01 5.55
C THR A 257 -2.79 25.54 5.54
N ASP A 258 -2.22 25.49 4.33
CA ASP A 258 -0.83 25.05 4.20
C ASP A 258 0.11 25.98 4.98
N GLU A 259 -0.14 27.28 4.96
CA GLU A 259 0.75 28.19 5.67
C GLU A 259 0.59 28.05 7.18
N GLU A 260 -0.55 27.55 7.65
CA GLU A 260 -0.74 27.36 9.08
C GLU A 260 0.14 26.21 9.57
N TYR A 261 0.13 25.09 8.84
CA TYR A 261 0.98 23.98 9.24
C TYR A 261 2.44 24.40 9.25
N ILE A 262 2.83 25.32 8.35
CA ILE A 262 4.19 25.82 8.39
C ILE A 262 4.41 26.62 9.66
N GLU A 263 3.44 27.49 9.98
CA GLU A 263 3.56 28.29 11.20
C GLU A 263 3.63 27.38 12.42
N ILE A 264 2.82 26.31 12.43
CA ILE A 264 2.87 25.36 13.52
C ILE A 264 4.27 24.78 13.64
N ALA A 265 4.88 24.44 12.49
CA ALA A 265 6.23 23.89 12.52
C ALA A 265 7.18 24.90 13.14
N LYS A 266 7.03 26.17 12.81
CA LYS A 266 7.89 27.19 13.40
C LYS A 266 7.76 27.19 14.92
N MET A 267 6.52 27.08 15.42
CA MET A 267 6.30 27.06 16.85
C MET A 267 7.02 25.89 17.50
N CYS A 268 7.04 24.75 16.82
CA CYS A 268 7.71 23.58 17.38
C CYS A 268 9.21 23.80 17.50
N GLU A 269 9.84 24.41 16.49
CA GLU A 269 11.28 24.65 16.56
C GLU A 269 11.64 25.72 17.57
N ALA A 270 10.72 26.64 17.85
CA ALA A 270 10.99 27.69 18.83
C ALA A 270 10.91 27.13 20.23
N ALA A 271 10.10 26.08 20.44
CA ALA A 271 9.94 25.47 21.75
C ALA A 271 11.06 24.47 22.03
N VAL A 272 11.38 23.60 21.08
CA VAL A 272 12.43 22.61 21.26
C VAL A 272 13.17 22.46 19.95
N ARG A 273 14.35 21.86 20.03
CA ARG A 273 15.13 21.59 18.83
C ARG A 273 14.49 20.40 18.15
N ILE A 274 14.09 20.55 16.89
CA ILE A 274 13.51 19.46 16.11
C ILE A 274 14.62 18.89 15.26
N ASP A 275 14.81 17.58 15.36
CA ASP A 275 15.89 16.91 14.64
C ASP A 275 15.50 16.49 13.22
N LEU A 276 14.22 16.37 12.92
CA LEU A 276 13.78 16.01 11.57
C LEU A 276 12.27 16.19 11.48
N PHE A 277 11.83 16.78 10.37
CA PHE A 277 10.42 17.01 10.09
C PHE A 277 9.99 16.12 8.94
N SER A 278 9.01 15.28 9.19
CA SER A 278 8.41 14.41 8.17
C SER A 278 7.08 15.09 7.82
N ILE A 279 6.99 15.66 6.63
CA ILE A 279 5.79 16.38 6.21
C ILE A 279 4.90 15.46 5.38
N THR A 280 3.63 15.34 5.78
CA THR A 280 2.65 14.46 5.18
C THR A 280 1.59 15.21 4.37
N VAL A 281 0.62 14.44 3.87
CA VAL A 281 -0.44 14.98 3.02
C VAL A 281 -1.78 14.34 3.32
N GLY A 282 -2.77 15.16 3.67
CA GLY A 282 -4.14 14.72 3.87
C GLY A 282 -4.50 14.00 5.16
N TRP A 283 -5.80 13.79 5.31
CA TRP A 283 -6.39 13.08 6.43
C TRP A 283 -7.20 11.92 5.89
N HIS A 284 -7.45 10.93 6.74
CA HIS A 284 -8.25 9.79 6.30
C HIS A 284 -9.66 10.23 5.88
N GLU A 285 -10.12 11.37 6.34
CA GLU A 285 -11.43 11.90 5.98
C GLU A 285 -11.36 12.86 4.81
N SER A 286 -10.22 12.96 4.16
CA SER A 286 -10.08 13.87 3.02
C SER A 286 -10.71 13.26 1.78
N PRO A 287 -11.58 13.99 1.07
CA PRO A 287 -12.18 13.42 -0.15
C PRO A 287 -11.22 13.46 -1.33
N GLY A 288 -10.09 14.16 -1.21
CA GLY A 288 -9.12 14.25 -2.27
C GLY A 288 -8.16 13.09 -2.28
N ALA A 289 -7.24 13.14 -3.24
CA ALA A 289 -6.25 12.09 -3.43
C ALA A 289 -4.91 12.50 -2.84
N ALA A 290 -4.33 11.60 -2.08
CA ALA A 290 -3.03 11.85 -1.47
C ALA A 290 -2.03 10.73 -1.71
N ILE A 291 -2.47 9.47 -1.71
CA ILE A 291 -1.56 8.33 -1.86
C ILE A 291 -1.91 7.41 -3.01
N THR A 292 -3.07 7.55 -3.64
CA THR A 292 -3.45 6.67 -4.73
C THR A 292 -2.55 6.89 -5.95
N ALA A 293 -2.61 5.92 -6.88
CA ALA A 293 -1.84 6.02 -8.12
C ALA A 293 -2.14 7.31 -8.86
N GLU A 294 -3.28 7.94 -8.58
CA GLU A 294 -3.64 9.20 -9.22
C GLU A 294 -2.51 10.21 -9.08
N LYS A 295 -1.77 10.18 -7.97
CA LYS A 295 -0.67 11.10 -7.74
C LYS A 295 0.63 10.43 -8.17
N ARG A 296 1.44 11.16 -8.92
CA ARG A 296 2.72 10.66 -9.40
C ARG A 296 3.85 11.15 -8.49
N PRO A 297 5.00 10.48 -8.54
CA PRO A 297 6.12 10.93 -7.71
C PRO A 297 6.52 12.35 -8.04
N GLY A 298 6.81 13.13 -7.00
CA GLY A 298 7.21 14.52 -7.17
C GLY A 298 6.07 15.51 -7.17
N ASP A 299 4.82 15.05 -7.11
CA ASP A 299 3.68 15.97 -7.15
C ASP A 299 3.59 16.81 -5.88
N TRP A 300 3.90 16.23 -4.73
CA TRP A 300 3.83 16.95 -3.47
C TRP A 300 5.13 17.61 -3.05
N LEU A 301 6.19 17.49 -3.86
CA LEU A 301 7.46 18.11 -3.48
C LEU A 301 7.34 19.62 -3.40
N HIS A 302 6.37 20.22 -4.10
CA HIS A 302 6.21 21.66 -4.04
C HIS A 302 5.92 22.10 -2.62
N LEU A 303 5.30 21.24 -1.81
CA LEU A 303 5.03 21.58 -0.43
C LEU A 303 6.33 21.63 0.37
N ALA A 304 7.28 20.76 0.03
CA ALA A 304 8.56 20.78 0.72
C ALA A 304 9.31 22.07 0.42
N ASP A 305 9.17 22.57 -0.82
CA ASP A 305 9.83 23.82 -1.19
C ASP A 305 9.34 24.98 -0.33
N ASN A 306 8.07 24.93 0.06
CA ASN A 306 7.51 26.00 0.89
C ASN A 306 8.15 26.00 2.28
N TRP A 307 8.31 24.82 2.87
CA TRP A 307 8.95 24.71 4.17
C TRP A 307 10.40 25.17 4.13
N LYS A 308 11.11 24.84 3.05
CA LYS A 308 12.50 25.25 2.92
C LYS A 308 12.64 26.75 2.78
N LYS A 309 11.83 27.37 1.90
CA LYS A 309 11.92 28.81 1.72
C LYS A 309 11.46 29.55 2.96
N ALA A 310 10.55 28.96 3.74
CA ALA A 310 10.06 29.61 4.95
C ALA A 310 11.09 29.64 6.07
N GLY A 311 12.25 29.00 5.89
CA GLY A 311 13.29 29.02 6.89
C GLY A 311 13.27 27.92 7.93
N ILE A 312 12.56 26.81 7.69
CA ILE A 312 12.56 25.73 8.67
C ILE A 312 14.01 25.35 8.97
N LYS A 313 14.34 25.30 10.26
CA LYS A 313 15.71 24.99 10.69
C LYS A 313 16.08 23.52 10.48
N ALA A 314 15.23 22.61 10.94
CA ALA A 314 15.53 21.19 10.84
C ALA A 314 15.43 20.63 9.42
N PRO A 315 16.12 19.52 9.14
CA PRO A 315 16.04 18.91 7.82
C PRO A 315 14.68 18.28 7.62
N ILE A 316 14.30 18.09 6.36
CA ILE A 316 13.00 17.56 6.02
C ILE A 316 13.10 16.28 5.19
N CYS A 317 12.13 15.40 5.40
CA CYS A 317 12.03 14.14 4.68
C CYS A 317 10.59 13.99 4.20
N MET A 318 10.39 13.43 3.01
CA MET A 318 9.03 13.29 2.52
C MET A 318 8.87 11.97 1.77
N ALA A 319 7.61 11.58 1.64
CA ALA A 319 7.15 10.34 1.03
C ALA A 319 5.86 10.63 0.29
N TYR A 320 4.94 9.67 0.28
CA TYR A 320 3.65 9.83 -0.38
C TYR A 320 3.76 9.81 -1.90
N ARG A 321 3.94 8.60 -2.43
CA ARG A 321 4.07 8.28 -3.85
C ARG A 321 5.46 8.59 -4.38
N MET A 322 6.44 8.60 -3.50
CA MET A 322 7.84 8.79 -3.88
C MET A 322 8.48 7.42 -4.05
N ASN A 323 7.90 6.63 -4.95
CA ASN A 323 8.36 5.28 -5.21
C ASN A 323 9.44 5.19 -6.29
N GLN A 324 9.96 6.33 -6.74
CA GLN A 324 10.99 6.35 -7.76
C GLN A 324 12.31 6.84 -7.19
N PRO A 325 13.37 6.02 -7.16
CA PRO A 325 14.64 6.53 -6.64
C PRO A 325 15.18 7.69 -7.45
N ASP A 326 14.95 7.70 -8.76
CA ASP A 326 15.43 8.80 -9.58
C ASP A 326 14.87 10.13 -9.10
N VAL A 327 13.55 10.17 -8.85
CA VAL A 327 12.95 11.41 -8.38
C VAL A 327 13.51 11.80 -7.02
N ALA A 328 13.65 10.83 -6.12
CA ALA A 328 14.20 11.12 -4.80
C ALA A 328 15.62 11.65 -4.90
N GLU A 329 16.45 11.02 -5.75
CA GLU A 329 17.82 11.47 -5.91
C GLU A 329 17.85 12.94 -6.31
N LYS A 330 17.09 13.31 -7.35
CA LYS A 330 17.05 14.69 -7.79
C LYS A 330 16.53 15.61 -6.69
N ALA A 331 15.62 15.10 -5.86
CA ALA A 331 15.09 15.92 -4.76
C ALA A 331 16.18 16.24 -3.76
N VAL A 332 16.95 15.23 -3.35
CA VAL A 332 18.01 15.45 -2.37
C VAL A 332 19.11 16.33 -2.95
N ALA A 333 19.39 16.18 -4.25
CA ALA A 333 20.42 17.00 -4.88
C ALA A 333 20.04 18.48 -4.86
N GLU A 334 18.83 18.80 -5.32
CA GLU A 334 18.33 20.16 -5.37
C GLU A 334 18.03 20.75 -4.00
N GLY A 335 18.16 19.97 -2.92
CA GLY A 335 17.89 20.48 -1.60
C GLY A 335 16.42 20.62 -1.26
N ARG A 336 15.51 20.18 -2.14
CA ARG A 336 14.09 20.29 -1.84
C ARG A 336 13.77 19.57 -0.55
N ILE A 337 14.45 18.46 -0.30
CA ILE A 337 14.30 17.67 0.92
C ILE A 337 15.70 17.19 1.30
N ASP A 338 15.81 16.64 2.52
CA ASP A 338 17.08 16.14 3.00
C ASP A 338 17.10 14.63 3.15
N ILE A 339 15.94 13.99 3.17
CA ILE A 339 15.86 12.54 3.29
C ILE A 339 14.66 12.06 2.48
N TRP A 340 14.81 10.89 1.87
CA TRP A 340 13.76 10.27 1.08
C TRP A 340 13.04 9.27 1.96
N GLU A 341 11.85 9.66 2.44
CA GLU A 341 11.04 8.84 3.31
C GLU A 341 10.11 7.98 2.46
N MET A 342 9.74 6.81 3.00
CA MET A 342 8.88 5.92 2.24
C MET A 342 8.31 4.83 3.14
N CYS A 343 7.08 4.44 2.85
CA CYS A 343 6.41 3.36 3.55
C CYS A 343 6.07 2.20 2.63
N ARG A 344 5.27 2.43 1.60
CA ARG A 344 4.89 1.34 0.70
C ARG A 344 6.10 0.85 -0.09
N PRO A 345 6.98 1.71 -0.58
CA PRO A 345 8.18 1.18 -1.29
C PRO A 345 9.01 0.32 -0.37
N GLY A 346 9.03 0.63 0.93
CA GLY A 346 9.75 -0.17 1.88
C GLY A 346 9.05 -1.48 2.15
N ILE A 347 7.73 -1.51 1.94
CA ILE A 347 6.97 -2.76 2.10
C ILE A 347 7.20 -3.64 0.90
N ALA A 348 7.08 -3.07 -0.30
CA ALA A 348 7.25 -3.82 -1.53
C ALA A 348 8.66 -4.35 -1.68
N ASP A 349 9.66 -3.56 -1.32
CA ASP A 349 11.05 -3.99 -1.44
C ASP A 349 11.84 -3.58 -0.22
N PRO A 350 12.05 -4.49 0.74
CA PRO A 350 12.85 -4.14 1.92
C PRO A 350 14.28 -3.79 1.59
N TYR A 351 14.83 -4.36 0.51
CA TYR A 351 16.21 -4.08 0.14
C TYR A 351 16.34 -2.95 -0.86
N LEU A 352 15.31 -2.12 -1.02
CA LEU A 352 15.39 -1.00 -1.94
C LEU A 352 16.64 -0.16 -1.68
N PRO A 353 16.98 0.21 -0.44
CA PRO A 353 18.20 1.02 -0.24
C PRO A 353 19.47 0.31 -0.70
N LYS A 354 19.69 -0.93 -0.24
CA LYS A 354 20.88 -1.66 -0.66
C LYS A 354 20.98 -1.73 -2.17
N LYS A 355 19.84 -1.94 -2.85
CA LYS A 355 19.84 -2.00 -4.30
C LYS A 355 20.18 -0.65 -4.91
N VAL A 356 19.82 0.44 -4.22
CA VAL A 356 20.10 1.78 -4.73
C VAL A 356 21.58 2.11 -4.60
N CYS A 357 22.16 1.93 -3.40
CA CYS A 357 23.56 2.25 -3.20
C CYS A 357 24.51 1.25 -3.87
N GLU A 358 23.98 0.17 -4.43
CA GLU A 358 24.78 -0.81 -5.15
C GLU A 358 24.64 -0.64 -6.66
N GLY A 359 23.98 0.43 -7.09
CA GLY A 359 23.80 0.70 -8.51
C GLY A 359 23.02 -0.34 -9.27
N ARG A 360 21.97 -0.91 -8.66
CA ARG A 360 21.15 -1.92 -9.34
C ARG A 360 19.67 -1.63 -9.11
N PRO A 361 19.20 -0.46 -9.55
CA PRO A 361 17.77 -0.14 -9.38
C PRO A 361 16.86 -1.05 -10.19
N GLU A 362 17.36 -1.64 -11.28
CA GLU A 362 16.55 -2.54 -12.09
C GLU A 362 16.06 -3.74 -11.29
N ASP A 363 16.64 -3.99 -10.12
CA ASP A 363 16.24 -5.11 -9.27
C ASP A 363 15.23 -4.69 -8.20
N ILE A 364 14.71 -3.47 -8.27
CA ILE A 364 13.76 -2.98 -7.27
C ILE A 364 12.36 -3.48 -7.57
N VAL A 365 11.71 -4.02 -6.54
CA VAL A 365 10.32 -4.45 -6.64
C VAL A 365 9.54 -3.20 -6.25
N THR A 366 9.17 -2.41 -7.26
CA THR A 366 8.47 -1.14 -7.05
C THR A 366 7.03 -1.34 -6.58
N CYS A 367 6.54 -0.30 -5.89
CA CYS A 367 5.19 -0.23 -5.35
C CYS A 367 4.24 0.30 -6.43
N THR A 368 3.21 -0.48 -6.75
CA THR A 368 2.23 -0.09 -7.76
C THR A 368 1.09 0.75 -7.20
N ALA A 369 1.01 0.89 -5.87
CA ALA A 369 -0.06 1.66 -5.22
C ALA A 369 -1.42 0.96 -5.34
N CYS A 370 -1.43 -0.37 -5.25
CA CYS A 370 -2.70 -1.08 -5.30
C CYS A 370 -3.47 -0.87 -4.00
N ASN A 371 -2.76 -0.47 -2.94
CA ASN A 371 -3.35 -0.19 -1.63
C ASN A 371 -4.19 -1.34 -1.11
N GLN A 372 -3.94 -2.55 -1.62
CA GLN A 372 -4.71 -3.71 -1.23
C GLN A 372 -4.06 -4.46 -0.07
N GLY A 373 -2.80 -4.85 -0.24
CA GLY A 373 -2.12 -5.58 0.82
C GLY A 373 -1.79 -4.72 2.01
N CYS A 374 -1.52 -3.44 1.79
CA CYS A 374 -1.15 -2.59 2.92
C CYS A 374 -2.30 -1.78 3.53
N PHE A 375 -2.80 -0.77 2.82
CA PHE A 375 -3.86 0.06 3.37
C PHE A 375 -5.13 -0.73 3.65
N TYR A 376 -5.66 -1.41 2.63
CA TYR A 376 -6.92 -2.13 2.76
C TYR A 376 -6.89 -3.20 3.84
N TYR A 377 -5.92 -4.10 3.79
CA TYR A 377 -5.89 -5.16 4.79
C TYR A 377 -5.83 -4.61 6.21
N VAL A 378 -5.00 -3.60 6.44
CA VAL A 378 -4.86 -3.05 7.79
C VAL A 378 -6.16 -2.40 8.25
N PHE A 379 -6.87 -1.69 7.36
CA PHE A 379 -8.11 -1.06 7.82
C PHE A 379 -9.24 -2.06 8.03
N ILE A 380 -9.13 -3.30 7.54
CA ILE A 380 -10.19 -4.27 7.74
C ILE A 380 -9.74 -5.27 8.81
N ASP A 381 -8.88 -4.81 9.72
CA ASP A 381 -8.41 -5.62 10.86
C ASP A 381 -7.79 -6.95 10.40
N ALA A 382 -6.96 -6.88 9.36
CA ALA A 382 -6.32 -8.07 8.83
C ALA A 382 -4.81 -7.93 8.83
N ILE A 383 -4.12 -9.08 8.81
CA ILE A 383 -2.66 -9.06 8.78
C ILE A 383 -2.21 -8.40 7.49
N MET A 384 -1.31 -7.44 7.61
CA MET A 384 -0.81 -6.74 6.44
C MET A 384 -0.07 -7.70 5.52
N GLY A 385 -0.21 -7.46 4.21
CA GLY A 385 0.43 -8.24 3.19
C GLY A 385 0.88 -7.31 2.08
N CYS A 386 1.41 -7.85 1.00
CA CYS A 386 1.85 -7.01 -0.10
C CYS A 386 1.63 -7.73 -1.43
N MET A 387 1.12 -6.98 -2.40
CA MET A 387 0.84 -7.56 -3.72
C MET A 387 2.12 -8.06 -4.39
N VAL A 388 3.13 -7.18 -4.51
CA VAL A 388 4.37 -7.55 -5.18
C VAL A 388 5.36 -8.26 -4.28
N ASN A 389 5.27 -8.10 -2.95
CA ASN A 389 6.20 -8.73 -2.03
C ASN A 389 5.49 -9.78 -1.17
N PRO A 390 5.52 -11.06 -1.55
CA PRO A 390 4.84 -12.07 -0.74
C PRO A 390 5.50 -12.36 0.59
N ARG A 391 6.61 -11.70 0.91
CA ARG A 391 7.28 -11.95 2.18
C ARG A 391 6.73 -11.13 3.34
N VAL A 392 6.02 -10.03 3.04
CA VAL A 392 5.48 -9.17 4.09
C VAL A 392 4.58 -9.96 5.03
N GLY A 393 5.00 -10.05 6.29
CA GLY A 393 4.27 -10.79 7.29
C GLY A 393 4.68 -12.23 7.40
N ASN A 394 5.54 -12.68 6.49
CA ASN A 394 6.04 -14.04 6.48
C ASN A 394 7.55 -14.09 6.66
N GLU A 395 8.19 -12.94 6.91
CA GLU A 395 9.63 -12.93 7.11
C GLU A 395 10.04 -13.85 8.25
N TRP A 396 9.11 -14.12 9.16
CA TRP A 396 9.33 -14.99 10.32
C TRP A 396 9.09 -16.45 10.03
N ASP A 397 8.23 -16.75 9.05
CA ASP A 397 7.83 -18.12 8.76
C ASP A 397 8.89 -18.89 7.98
N PRO A 398 9.43 -20.00 8.52
CA PRO A 398 10.42 -20.76 7.76
C PRO A 398 9.88 -21.24 6.43
N ALA A 399 8.56 -21.35 6.30
CA ALA A 399 7.97 -21.80 5.04
C ALA A 399 8.32 -20.89 3.89
N TYR A 400 8.71 -19.64 4.15
CA TYR A 400 9.08 -18.73 3.06
C TYR A 400 10.60 -18.63 2.91
N ALA A 401 11.36 -19.41 3.66
CA ALA A 401 12.80 -19.38 3.53
C ALA A 401 13.19 -19.81 2.13
N ILE A 402 14.25 -19.24 1.60
CA ILE A 402 14.74 -19.52 0.26
C ILE A 402 16.00 -20.36 0.42
N ASN A 403 15.85 -21.71 0.31
CA ASN A 403 16.91 -22.70 0.47
C ASN A 403 17.54 -23.05 -0.88
N PRO A 404 18.84 -23.36 -0.93
CA PRO A 404 19.48 -23.67 -2.21
C PRO A 404 19.07 -24.98 -2.89
N ALA A 405 19.04 -26.11 -2.18
CA ALA A 405 18.67 -27.38 -2.81
C ALA A 405 19.63 -27.71 -3.95
N ALA A 406 20.84 -28.11 -3.56
CA ALA A 406 21.91 -28.43 -4.51
C ALA A 406 21.59 -29.51 -5.53
N LYS A 407 20.37 -30.06 -5.52
CA LYS A 407 20.02 -31.11 -6.48
C LYS A 407 19.95 -30.57 -7.91
N LYS A 408 19.40 -29.36 -8.10
CA LYS A 408 19.29 -28.72 -9.42
C LYS A 408 18.38 -29.49 -10.40
N LYS A 409 17.07 -29.49 -10.12
CA LYS A 409 16.09 -30.16 -11.00
C LYS A 409 15.85 -29.27 -12.23
N LYS A 410 15.25 -29.86 -13.26
CA LYS A 410 14.87 -29.21 -14.51
C LYS A 410 13.41 -28.78 -14.39
N VAL A 411 13.17 -27.48 -14.50
CA VAL A 411 11.83 -26.92 -14.32
C VAL A 411 11.36 -26.21 -15.58
N LEU A 412 10.13 -26.51 -15.98
CA LEU A 412 9.48 -25.91 -17.15
C LEU A 412 8.27 -25.13 -16.65
N VAL A 413 8.27 -23.83 -16.90
CA VAL A 413 7.17 -22.96 -16.52
C VAL A 413 6.42 -22.57 -17.78
N VAL A 414 5.11 -22.81 -17.80
CA VAL A 414 4.26 -22.50 -18.94
C VAL A 414 3.47 -21.25 -18.60
N GLY A 415 3.83 -20.13 -19.23
CA GLY A 415 3.16 -18.87 -19.01
C GLY A 415 4.05 -17.83 -18.35
N ALA A 416 4.34 -16.75 -19.07
CA ALA A 416 5.18 -15.68 -18.55
C ALA A 416 4.38 -14.63 -17.82
N GLY A 417 3.25 -15.02 -17.23
CA GLY A 417 2.44 -14.09 -16.49
C GLY A 417 3.11 -13.78 -15.17
N PRO A 418 2.44 -13.05 -14.30
CA PRO A 418 3.04 -12.72 -13.01
C PRO A 418 3.39 -13.95 -12.19
N SER A 419 2.47 -14.93 -12.10
CA SER A 419 2.75 -16.12 -11.30
C SER A 419 3.87 -16.95 -11.92
N GLY A 420 3.84 -17.13 -13.24
CA GLY A 420 4.87 -17.92 -13.89
C GLY A 420 6.27 -17.34 -13.72
N MET A 421 6.39 -16.02 -13.84
CA MET A 421 7.71 -15.40 -13.69
C MET A 421 8.17 -15.35 -12.25
N GLU A 422 7.25 -15.35 -11.29
CA GLU A 422 7.66 -15.34 -9.90
C GLU A 422 8.15 -16.72 -9.49
N CYS A 423 7.51 -17.77 -10.02
CA CYS A 423 7.93 -19.13 -9.74
C CYS A 423 9.30 -19.40 -10.36
N ALA A 424 9.49 -18.99 -11.61
CA ALA A 424 10.76 -19.20 -12.28
C ALA A 424 11.87 -18.38 -11.63
N ARG A 425 11.60 -17.11 -11.32
CA ARG A 425 12.64 -16.27 -10.73
C ARG A 425 13.27 -16.96 -9.52
N LEU A 426 12.45 -17.41 -8.58
CA LEU A 426 12.99 -18.05 -7.38
C LEU A 426 13.62 -19.40 -7.69
N ALA A 427 12.91 -20.25 -8.43
CA ALA A 427 13.50 -21.55 -8.77
C ALA A 427 14.88 -21.35 -9.36
N ALA A 428 15.07 -20.26 -10.12
CA ALA A 428 16.38 -19.97 -10.69
C ALA A 428 17.33 -19.44 -9.63
N VAL A 429 16.80 -18.63 -8.71
CA VAL A 429 17.62 -18.09 -7.63
C VAL A 429 18.12 -19.21 -6.73
N ARG A 430 17.41 -20.34 -6.70
CA ARG A 430 17.81 -21.47 -5.88
C ARG A 430 18.69 -22.45 -6.65
N GLY A 431 18.98 -22.19 -7.93
CA GLY A 431 19.84 -23.04 -8.72
C GLY A 431 19.18 -23.99 -9.68
N HIS A 432 17.85 -24.08 -9.70
CA HIS A 432 17.20 -24.99 -10.63
C HIS A 432 17.42 -24.55 -12.07
N ASP A 433 17.21 -25.51 -12.98
CA ASP A 433 17.34 -25.30 -14.43
C ASP A 433 15.94 -24.96 -14.91
N VAL A 434 15.60 -23.69 -14.83
CA VAL A 434 14.28 -23.20 -15.18
C VAL A 434 14.20 -22.78 -16.64
N THR A 435 13.00 -22.98 -17.20
CA THR A 435 12.69 -22.63 -18.58
C THR A 435 11.27 -22.11 -18.61
N ILE A 436 11.01 -21.10 -19.44
CA ILE A 436 9.68 -20.51 -19.56
C ILE A 436 9.23 -20.53 -21.01
N MET A 437 8.00 -20.96 -21.23
CA MET A 437 7.38 -20.99 -22.56
C MET A 437 6.26 -19.96 -22.60
N GLU A 438 6.31 -19.07 -23.58
CA GLU A 438 5.32 -18.02 -23.75
C GLU A 438 4.83 -18.05 -25.18
N LYS A 439 3.51 -18.19 -25.37
CA LYS A 439 2.94 -18.25 -26.72
C LYS A 439 2.84 -16.88 -27.38
N SER A 440 2.97 -15.79 -26.63
CA SER A 440 2.91 -14.45 -27.17
C SER A 440 4.31 -13.92 -27.39
N ASP A 441 4.40 -12.72 -27.96
CA ASP A 441 5.67 -12.08 -28.24
C ASP A 441 6.18 -11.23 -27.08
N SER A 442 5.52 -11.27 -25.92
CA SER A 442 5.96 -10.48 -24.77
C SER A 442 5.50 -11.13 -23.48
N ILE A 443 6.30 -10.92 -22.43
CA ILE A 443 6.00 -11.46 -21.10
C ILE A 443 5.09 -10.45 -20.39
N GLY A 444 4.48 -10.88 -19.29
CA GLY A 444 3.60 -10.04 -18.49
C GLY A 444 2.19 -10.58 -18.36
N GLY A 445 1.74 -11.36 -19.33
CA GLY A 445 0.38 -11.88 -19.25
C GLY A 445 -0.63 -10.76 -19.14
N GLU A 446 -1.59 -10.93 -18.25
CA GLU A 446 -2.61 -9.89 -18.09
C GLU A 446 -2.00 -8.59 -17.58
N VAL A 447 -0.84 -8.65 -16.92
CA VAL A 447 -0.20 -7.42 -16.46
C VAL A 447 0.27 -6.63 -17.67
N LYS A 448 0.62 -7.34 -18.76
CA LYS A 448 1.05 -6.69 -20.00
C LYS A 448 -0.08 -5.84 -20.58
N LEU A 449 -1.32 -6.23 -20.30
CA LEU A 449 -2.50 -5.53 -20.79
C LEU A 449 -3.00 -4.48 -19.80
N GLY A 450 -3.01 -4.81 -18.51
CA GLY A 450 -3.47 -3.84 -17.52
C GLY A 450 -2.67 -2.57 -17.48
N VAL A 451 -1.37 -2.65 -17.78
CA VAL A 451 -0.49 -1.50 -17.77
C VAL A 451 -1.04 -0.37 -18.65
N LYS A 452 -1.88 -0.72 -19.62
CA LYS A 452 -2.45 0.31 -20.48
C LYS A 452 -3.46 1.17 -19.76
N SER A 453 -4.07 0.67 -18.70
CA SER A 453 -5.06 1.45 -17.97
C SER A 453 -4.39 2.70 -17.40
N PRO A 454 -5.12 3.81 -17.32
CA PRO A 454 -4.50 5.05 -16.81
C PRO A 454 -3.91 4.96 -15.42
N LEU A 455 -4.62 4.34 -14.47
CA LEU A 455 -4.15 4.25 -13.10
C LEU A 455 -3.21 3.08 -12.82
N LEU A 456 -2.86 2.28 -13.82
CA LEU A 456 -1.97 1.15 -13.61
C LEU A 456 -0.59 1.36 -14.25
N TYR A 457 -0.28 2.58 -14.68
CA TYR A 457 1.01 2.85 -15.31
C TYR A 457 2.18 2.27 -14.53
N ASP A 458 2.05 2.15 -13.21
CA ASP A 458 3.14 1.58 -12.43
C ASP A 458 3.41 0.12 -12.81
N TRP A 459 2.44 -0.57 -13.41
CA TRP A 459 2.67 -1.95 -13.79
C TRP A 459 3.82 -2.09 -14.79
N ALA A 460 4.26 -1.00 -15.40
CA ALA A 460 5.41 -1.07 -16.30
C ALA A 460 6.67 -1.35 -15.51
N GLU A 461 6.74 -0.81 -14.28
CA GLU A 461 7.90 -1.05 -13.42
C GLU A 461 7.97 -2.52 -13.04
N THR A 462 6.82 -3.20 -12.99
CA THR A 462 6.79 -4.62 -12.68
C THR A 462 7.38 -5.43 -13.83
N ILE A 463 6.91 -5.15 -15.06
CA ILE A 463 7.44 -5.85 -16.23
C ILE A 463 8.96 -5.74 -16.25
N ARG A 464 9.45 -4.50 -16.14
CA ARG A 464 10.89 -4.25 -16.12
C ARG A 464 11.60 -5.17 -15.13
N TYR A 465 11.06 -5.26 -13.91
CA TYR A 465 11.67 -6.12 -12.89
C TYR A 465 11.87 -7.54 -13.38
N TYR A 466 10.77 -8.23 -13.70
CA TYR A 466 10.85 -9.60 -14.18
C TYR A 466 11.70 -9.70 -15.44
N LYS A 467 11.67 -8.69 -16.30
CA LYS A 467 12.49 -8.73 -17.51
C LYS A 467 13.96 -8.66 -17.16
N ALA A 468 14.30 -8.01 -16.04
CA ALA A 468 15.70 -7.90 -15.64
C ALA A 468 16.15 -9.13 -14.85
N GLN A 469 15.26 -9.77 -14.10
CA GLN A 469 15.67 -10.94 -13.33
C GLN A 469 15.87 -12.13 -14.26
N ILE A 470 15.03 -12.23 -15.28
CA ILE A 470 15.17 -13.33 -16.24
C ILE A 470 16.52 -13.22 -16.93
N ASP A 471 16.87 -12.01 -17.37
CA ASP A 471 18.13 -11.74 -18.04
C ASP A 471 19.33 -11.92 -17.12
N LYS A 472 19.14 -11.81 -15.81
CA LYS A 472 20.24 -11.96 -14.86
C LYS A 472 20.35 -13.36 -14.29
N LEU A 473 19.27 -14.13 -14.31
CA LEU A 473 19.26 -15.48 -13.78
C LEU A 473 19.48 -16.54 -14.86
N GLY A 474 19.76 -16.12 -16.09
CA GLY A 474 19.97 -17.07 -17.16
C GLY A 474 18.81 -18.02 -17.38
N ILE A 475 17.60 -17.56 -17.14
CA ILE A 475 16.41 -18.38 -17.31
C ILE A 475 16.12 -18.52 -18.79
N LYS A 476 15.76 -19.73 -19.21
CA LYS A 476 15.42 -20.00 -20.60
C LYS A 476 14.05 -19.43 -20.89
N LEU A 477 14.00 -18.35 -21.68
CA LEU A 477 12.74 -17.70 -22.05
C LEU A 477 12.44 -18.02 -23.50
N LYS A 478 11.37 -18.77 -23.73
CA LYS A 478 10.96 -19.18 -25.07
C LYS A 478 9.71 -18.39 -25.48
N LEU A 479 9.94 -17.21 -26.07
CA LEU A 479 8.83 -16.38 -26.51
C LEU A 479 8.28 -16.92 -27.83
N ASN A 480 7.00 -16.64 -28.09
CA ASN A 480 6.33 -17.09 -29.30
C ASN A 480 6.36 -18.62 -29.41
N THR A 481 6.01 -19.27 -28.30
CA THR A 481 6.00 -20.74 -28.22
C THR A 481 4.79 -21.18 -27.42
N GLU A 482 3.81 -21.77 -28.10
CA GLU A 482 2.59 -22.23 -27.45
C GLU A 482 2.83 -23.66 -26.93
N ALA A 483 2.93 -23.80 -25.62
CA ALA A 483 3.15 -25.10 -25.01
C ALA A 483 1.98 -26.04 -25.33
N THR A 484 2.32 -27.21 -25.87
CA THR A 484 1.33 -28.22 -26.21
C THR A 484 1.72 -29.53 -25.53
N ALA A 485 0.83 -30.52 -25.62
CA ALA A 485 1.11 -31.82 -25.02
C ALA A 485 2.35 -32.48 -25.60
N ASP A 486 2.82 -32.02 -26.77
CA ASP A 486 4.00 -32.58 -27.40
C ASP A 486 5.28 -31.85 -27.03
N SER A 487 5.24 -30.51 -27.05
CA SER A 487 6.42 -29.74 -26.69
C SER A 487 6.88 -30.02 -25.27
N ILE A 488 5.92 -30.16 -24.34
CA ILE A 488 6.27 -30.46 -22.95
C ILE A 488 7.06 -31.76 -22.89
N LYS A 489 6.53 -32.83 -23.50
CA LYS A 489 7.23 -34.10 -23.49
C LYS A 489 8.60 -33.97 -24.17
N ALA A 490 8.65 -33.18 -25.25
CA ALA A 490 9.93 -32.97 -25.93
C ALA A 490 10.94 -32.31 -25.01
N GLU A 491 10.47 -31.39 -24.17
CA GLU A 491 11.36 -30.72 -23.23
C GLU A 491 11.74 -31.65 -22.09
N ALA A 492 10.90 -32.64 -21.79
CA ALA A 492 11.11 -33.63 -20.75
C ALA A 492 11.65 -33.03 -19.45
N PRO A 493 10.87 -32.20 -18.76
CA PRO A 493 11.33 -31.60 -17.52
C PRO A 493 11.01 -32.46 -16.31
N ASP A 494 11.69 -32.15 -15.20
CA ASP A 494 11.44 -32.85 -13.95
C ASP A 494 10.16 -32.36 -13.30
N VAL A 495 9.86 -31.08 -13.47
CA VAL A 495 8.69 -30.46 -12.88
C VAL A 495 8.05 -29.53 -13.90
N LEU A 496 6.73 -29.58 -13.97
CA LEU A 496 5.96 -28.75 -14.88
C LEU A 496 5.11 -27.77 -14.08
N VAL A 497 5.30 -26.48 -14.34
CA VAL A 497 4.54 -25.42 -13.69
C VAL A 497 3.65 -24.80 -14.75
N ILE A 498 2.35 -25.04 -14.66
CA ILE A 498 1.37 -24.54 -15.62
C ILE A 498 0.76 -23.26 -15.06
N ALA A 499 1.08 -22.14 -15.71
CA ALA A 499 0.60 -20.81 -15.33
C ALA A 499 -0.01 -20.11 -16.54
N THR A 500 -0.93 -20.79 -17.22
CA THR A 500 -1.56 -20.23 -18.40
C THR A 500 -2.38 -18.98 -18.10
N GLY A 501 -2.82 -18.79 -16.85
CA GLY A 501 -3.60 -17.62 -16.50
C GLY A 501 -5.10 -17.75 -16.72
N GLY A 502 -5.76 -16.64 -17.04
CA GLY A 502 -7.19 -16.63 -17.28
C GLY A 502 -7.54 -16.02 -18.61
N LYS A 503 -8.82 -16.08 -18.95
CA LYS A 503 -9.35 -15.56 -20.20
C LYS A 503 -10.73 -14.97 -19.95
N PRO A 504 -11.18 -14.05 -20.82
CA PRO A 504 -12.50 -13.44 -20.63
C PRO A 504 -13.61 -14.49 -20.67
N SER A 505 -14.64 -14.25 -19.87
CA SER A 505 -15.78 -15.14 -19.81
C SER A 505 -16.75 -14.81 -20.92
N ARG A 506 -17.72 -15.71 -21.12
CA ARG A 506 -18.75 -15.54 -22.14
C ARG A 506 -20.02 -16.19 -21.64
N PRO A 507 -20.82 -15.47 -20.86
CA PRO A 507 -22.06 -16.04 -20.33
C PRO A 507 -23.10 -16.20 -21.42
N LYS A 508 -24.19 -16.90 -21.05
CA LYS A 508 -25.29 -17.17 -21.97
C LYS A 508 -26.19 -15.95 -22.06
N ILE A 509 -25.84 -15.04 -22.95
CA ILE A 509 -26.60 -13.80 -23.18
C ILE A 509 -27.12 -13.86 -24.61
N GLU A 510 -28.43 -13.75 -24.78
CA GLU A 510 -29.02 -13.78 -26.12
C GLU A 510 -28.35 -12.74 -27.00
N GLY A 511 -27.88 -13.18 -28.17
CA GLY A 511 -27.21 -12.30 -29.10
C GLY A 511 -25.73 -12.12 -28.84
N ILE A 512 -25.17 -12.82 -27.84
CA ILE A 512 -23.75 -12.69 -27.53
C ILE A 512 -22.89 -13.05 -28.73
N ASP A 513 -23.42 -13.85 -29.66
CA ASP A 513 -22.68 -14.23 -30.85
C ASP A 513 -22.65 -13.11 -31.90
N ASN A 514 -23.26 -11.97 -31.60
CA ASN A 514 -23.29 -10.86 -32.55
C ASN A 514 -21.90 -10.25 -32.71
N LYS A 515 -21.64 -9.76 -33.92
CA LYS A 515 -20.35 -9.14 -34.24
C LYS A 515 -20.02 -7.98 -33.31
N ILE A 516 -21.04 -7.28 -32.81
CA ILE A 516 -20.81 -6.14 -31.93
C ILE A 516 -20.18 -6.51 -30.58
N VAL A 517 -20.03 -7.80 -30.28
CA VAL A 517 -19.47 -8.22 -29.00
C VAL A 517 -17.94 -8.34 -29.09
N THR A 518 -17.29 -8.01 -27.98
CA THR A 518 -15.84 -8.06 -27.85
C THR A 518 -15.50 -8.25 -26.38
N ASN A 519 -14.29 -8.74 -26.11
CA ASN A 519 -13.84 -8.98 -24.75
C ASN A 519 -12.68 -8.06 -24.39
N VAL A 520 -12.35 -8.06 -23.09
CA VAL A 520 -11.29 -7.20 -22.58
C VAL A 520 -9.95 -7.44 -23.28
N PHE A 521 -9.50 -8.70 -23.34
CA PHE A 521 -8.22 -8.99 -23.97
C PHE A 521 -8.08 -8.37 -25.36
N ASP A 522 -9.10 -8.53 -26.21
CA ASP A 522 -8.99 -7.97 -27.56
C ASP A 522 -8.92 -6.45 -27.53
N ILE A 523 -9.59 -5.81 -26.57
CA ILE A 523 -9.54 -4.36 -26.47
C ILE A 523 -8.11 -3.89 -26.20
N LEU A 524 -7.55 -4.33 -25.09
CA LEU A 524 -6.20 -3.93 -24.70
C LEU A 524 -5.13 -4.48 -25.64
N GLU A 525 -5.45 -5.44 -26.50
CA GLU A 525 -4.50 -5.97 -27.46
C GLU A 525 -4.64 -5.29 -28.81
N GLY A 526 -5.44 -4.24 -28.90
CA GLY A 526 -5.64 -3.53 -30.14
C GLY A 526 -6.23 -4.36 -31.27
N LYS A 527 -6.67 -5.59 -30.96
CA LYS A 527 -7.26 -6.46 -31.97
C LYS A 527 -8.74 -6.17 -32.15
N VAL A 528 -9.06 -4.87 -32.26
CA VAL A 528 -10.43 -4.42 -32.45
C VAL A 528 -10.40 -2.95 -32.81
N LYS A 529 -11.29 -2.53 -33.70
CA LYS A 529 -11.37 -1.14 -34.15
C LYS A 529 -12.69 -0.61 -33.58
N LEU A 530 -12.62 0.01 -32.41
CA LEU A 530 -13.79 0.54 -31.74
C LEU A 530 -14.26 1.83 -32.41
N GLY A 531 -15.29 2.45 -31.81
CA GLY A 531 -15.86 3.68 -32.30
C GLY A 531 -15.86 4.76 -31.23
N ASP A 532 -16.99 5.43 -31.04
CA ASP A 532 -17.10 6.50 -30.05
C ASP A 532 -18.12 6.21 -28.96
N LYS A 533 -18.99 5.22 -29.11
CA LYS A 533 -19.98 4.85 -28.12
C LYS A 533 -19.73 3.40 -27.76
N VAL A 534 -19.29 3.16 -26.51
CA VAL A 534 -18.99 1.80 -26.07
C VAL A 534 -19.74 1.50 -24.78
N VAL A 535 -20.11 0.23 -24.62
CA VAL A 535 -20.85 -0.25 -23.45
C VAL A 535 -20.18 -1.49 -22.90
N PHE A 536 -19.96 -1.51 -21.59
CA PHE A 536 -19.35 -2.66 -20.92
C PHE A 536 -20.41 -3.36 -20.08
N ILE A 537 -20.50 -4.68 -20.23
CA ILE A 537 -21.47 -5.49 -19.48
C ILE A 537 -20.67 -6.14 -18.35
N GLY A 538 -20.69 -5.49 -17.19
CA GLY A 538 -19.97 -5.97 -16.03
C GLY A 538 -19.32 -4.82 -15.28
N GLY A 539 -19.52 -4.76 -13.98
CA GLY A 539 -18.97 -3.69 -13.18
C GLY A 539 -17.88 -4.11 -12.22
N ASN A 540 -17.11 -5.14 -12.58
CA ASN A 540 -16.03 -5.62 -11.74
C ASN A 540 -14.79 -4.75 -11.99
N GLU A 541 -13.72 -5.05 -11.25
CA GLU A 541 -12.50 -4.27 -11.36
C GLU A 541 -11.95 -4.28 -12.77
N ILE A 542 -11.68 -5.46 -13.33
CA ILE A 542 -11.13 -5.55 -14.68
C ILE A 542 -11.98 -4.79 -15.68
N SER A 543 -13.30 -5.02 -15.64
CA SER A 543 -14.19 -4.34 -16.59
C SER A 543 -14.07 -2.82 -16.48
N ILE A 544 -14.14 -2.29 -15.25
CA ILE A 544 -14.06 -0.84 -15.06
C ILE A 544 -12.72 -0.31 -15.58
N GLN A 545 -11.62 -0.95 -15.18
CA GLN A 545 -10.30 -0.50 -15.60
C GLN A 545 -10.18 -0.50 -17.12
N THR A 546 -10.81 -1.46 -17.79
CA THR A 546 -10.75 -1.48 -19.25
C THR A 546 -11.51 -0.28 -19.82
N ALA A 547 -12.66 0.03 -19.23
CA ALA A 547 -13.45 1.17 -19.70
C ALA A 547 -12.65 2.46 -19.59
N GLU A 548 -11.94 2.64 -18.47
CA GLU A 548 -11.13 3.85 -18.28
C GLU A 548 -10.19 4.05 -19.46
N TYR A 549 -9.57 2.96 -19.93
CA TYR A 549 -8.68 3.05 -21.08
C TYR A 549 -9.44 3.50 -22.32
N VAL A 550 -10.67 3.00 -22.49
CA VAL A 550 -11.49 3.37 -23.64
C VAL A 550 -11.88 4.84 -23.59
N ALA A 551 -12.28 5.32 -22.41
CA ALA A 551 -12.67 6.72 -22.26
C ALA A 551 -11.48 7.66 -22.40
N GLU A 552 -10.30 7.25 -21.94
CA GLU A 552 -9.12 8.10 -22.05
C GLU A 552 -8.85 8.50 -23.49
N GLN A 553 -9.19 7.63 -24.45
CA GLN A 553 -8.98 7.93 -25.85
C GLN A 553 -9.99 8.93 -26.39
N GLY A 554 -10.90 9.43 -25.56
CA GLY A 554 -11.90 10.37 -26.02
C GLY A 554 -13.09 9.65 -26.62
N LYS A 555 -13.74 8.80 -25.83
CA LYS A 555 -14.88 8.04 -26.27
C LYS A 555 -15.91 7.95 -25.15
N GLU A 556 -17.19 7.93 -25.53
CA GLU A 556 -18.27 7.81 -24.55
C GLU A 556 -18.36 6.36 -24.12
N VAL A 557 -18.39 6.12 -22.81
CA VAL A 557 -18.46 4.77 -22.29
C VAL A 557 -19.51 4.67 -21.20
N THR A 558 -20.18 3.52 -21.13
CA THR A 558 -21.20 3.26 -20.13
C THR A 558 -20.99 1.86 -19.60
N VAL A 559 -21.10 1.69 -18.28
CA VAL A 559 -20.90 0.41 -17.62
C VAL A 559 -22.22 -0.10 -17.08
N LEU A 560 -22.59 -1.32 -17.47
CA LEU A 560 -23.83 -1.96 -17.05
C LEU A 560 -23.47 -3.08 -16.06
N GLU A 561 -24.00 -2.98 -14.85
CA GLU A 561 -23.74 -3.97 -13.81
C GLU A 561 -25.07 -4.54 -13.32
N LYS A 562 -25.19 -5.87 -13.36
CA LYS A 562 -26.41 -6.53 -12.91
C LYS A 562 -26.53 -6.50 -11.39
N GLY A 563 -25.42 -6.37 -10.69
CA GLY A 563 -25.43 -6.35 -9.24
C GLY A 563 -25.93 -5.03 -8.69
N LYS A 564 -25.79 -4.90 -7.36
CA LYS A 564 -26.25 -3.71 -6.66
C LYS A 564 -25.27 -2.54 -6.78
N HIS A 565 -23.98 -2.81 -6.95
CA HIS A 565 -23.00 -1.75 -7.06
C HIS A 565 -21.91 -2.11 -8.06
N ILE A 566 -21.28 -1.08 -8.60
CA ILE A 566 -20.16 -1.25 -9.50
C ILE A 566 -18.92 -1.23 -8.63
N CYS A 567 -17.80 -1.71 -9.16
CA CYS A 567 -16.56 -1.75 -8.39
C CYS A 567 -16.73 -2.57 -7.11
N PHE A 568 -17.58 -3.61 -7.19
CA PHE A 568 -17.85 -4.44 -6.01
C PHE A 568 -16.59 -5.16 -5.51
N ASP A 569 -15.69 -5.58 -6.40
CA ASP A 569 -14.47 -6.27 -5.98
C ASP A 569 -13.27 -5.32 -5.91
N VAL A 570 -13.51 -4.06 -5.62
CA VAL A 570 -12.48 -3.04 -5.50
C VAL A 570 -12.32 -2.68 -4.04
N ASN A 571 -11.07 -2.59 -3.56
CA ASN A 571 -10.85 -2.26 -2.16
C ASN A 571 -11.40 -0.86 -1.87
N ILE A 572 -11.75 -0.63 -0.60
CA ILE A 572 -12.32 0.64 -0.18
C ILE A 572 -11.43 1.83 -0.51
N PHE A 573 -10.11 1.66 -0.59
CA PHE A 573 -9.32 2.86 -0.91
C PHE A 573 -9.43 3.20 -2.39
N ASN A 574 -9.51 2.20 -3.27
CA ASN A 574 -9.59 2.47 -4.69
C ASN A 574 -10.99 2.87 -5.15
N ILE A 575 -12.03 2.62 -4.34
CA ILE A 575 -13.37 3.03 -4.74
C ILE A 575 -13.40 4.52 -5.01
N LEU A 576 -12.83 5.29 -4.09
CA LEU A 576 -12.77 6.74 -4.24
C LEU A 576 -11.91 7.13 -5.45
N GLN A 577 -10.99 6.25 -5.83
CA GLN A 577 -10.10 6.53 -6.95
C GLN A 577 -10.82 6.44 -8.28
N HIS A 578 -11.70 5.45 -8.44
CA HIS A 578 -12.42 5.30 -9.70
C HIS A 578 -13.51 6.35 -9.85
N ARG A 579 -14.15 6.74 -8.73
CA ARG A 579 -15.17 7.78 -8.81
C ARG A 579 -14.58 9.07 -9.36
N ARG A 580 -13.44 9.49 -8.80
CA ARG A 580 -12.80 10.71 -9.28
C ARG A 580 -12.45 10.61 -10.75
N LEU A 581 -12.06 9.42 -11.20
CA LEU A 581 -11.68 9.24 -12.61
C LEU A 581 -12.88 9.02 -13.51
N MET A 582 -13.76 8.07 -13.15
CA MET A 582 -14.93 7.84 -14.00
C MET A 582 -15.71 9.12 -14.20
N ALA A 583 -15.66 10.03 -13.23
CA ALA A 583 -16.36 11.31 -13.34
C ALA A 583 -15.53 12.28 -14.18
N LYS A 584 -14.21 12.27 -14.00
CA LYS A 584 -13.35 13.17 -14.78
C LYS A 584 -13.41 12.82 -16.26
N LEU A 585 -13.66 11.57 -16.60
CA LEU A 585 -13.76 11.12 -17.99
C LEU A 585 -15.18 11.16 -18.52
N ASN A 586 -16.14 11.59 -17.72
CA ASN A 586 -17.55 11.69 -18.13
C ASN A 586 -18.07 10.31 -18.56
N MET A 587 -18.07 9.39 -17.61
CA MET A 587 -18.52 8.02 -17.82
C MET A 587 -19.82 7.77 -17.06
N LYS A 588 -20.74 7.04 -17.68
CA LYS A 588 -22.02 6.71 -17.05
C LYS A 588 -22.04 5.25 -16.64
N SER A 589 -22.88 4.95 -15.65
CA SER A 589 -23.00 3.58 -15.14
C SER A 589 -24.43 3.34 -14.67
N MET A 590 -24.80 2.06 -14.63
CA MET A 590 -26.12 1.63 -14.20
C MET A 590 -26.00 0.36 -13.38
N THR A 591 -26.80 0.27 -12.31
CA THR A 591 -26.78 -0.89 -11.43
C THR A 591 -28.14 -1.57 -11.43
N ASN A 592 -28.13 -2.84 -11.03
CA ASN A 592 -29.34 -3.66 -10.94
C ASN A 592 -30.04 -3.83 -12.29
N VAL A 593 -29.31 -3.66 -13.39
CA VAL A 593 -29.89 -3.79 -14.71
C VAL A 593 -29.81 -5.23 -15.19
N THR A 594 -30.87 -5.69 -15.84
CA THR A 594 -30.95 -7.05 -16.38
C THR A 594 -30.61 -6.99 -17.86
N ILE A 595 -29.66 -7.82 -18.29
CA ILE A 595 -29.25 -7.87 -19.68
C ILE A 595 -30.17 -8.83 -20.41
N ASN A 596 -30.99 -8.31 -21.32
CA ASN A 596 -31.93 -9.13 -22.07
C ASN A 596 -31.48 -9.43 -23.49
N GLU A 597 -30.82 -8.49 -24.17
CA GLU A 597 -30.42 -8.75 -25.54
C GLU A 597 -29.29 -7.82 -25.95
N ILE A 598 -28.54 -8.28 -26.96
CA ILE A 598 -27.43 -7.56 -27.57
C ILE A 598 -27.65 -7.67 -29.07
N ASN A 599 -27.94 -6.54 -29.72
CA ASN A 599 -28.21 -6.53 -31.16
C ASN A 599 -27.25 -5.56 -31.87
N ASP A 600 -27.48 -5.36 -33.17
CA ASP A 600 -26.62 -4.51 -33.99
C ASP A 600 -26.43 -3.12 -33.40
N ASP A 601 -27.48 -2.49 -32.89
CA ASP A 601 -27.36 -1.14 -32.37
C ASP A 601 -26.85 -1.07 -30.93
N GLY A 602 -26.96 -2.15 -30.16
CA GLY A 602 -26.47 -2.08 -28.79
C GLY A 602 -26.88 -3.25 -27.93
N VAL A 603 -27.35 -2.94 -26.72
CA VAL A 603 -27.78 -3.94 -25.75
C VAL A 603 -29.09 -3.49 -25.12
N GLU A 604 -30.08 -4.37 -25.10
CA GLU A 604 -31.38 -4.08 -24.51
C GLU A 604 -31.36 -4.61 -23.07
N ILE A 605 -31.74 -3.77 -22.12
CA ILE A 605 -31.75 -4.13 -20.71
C ILE A 605 -33.13 -3.83 -20.12
N SER A 606 -33.27 -4.12 -18.82
CA SER A 606 -34.49 -3.90 -18.08
C SER A 606 -34.15 -3.66 -16.62
N THR A 607 -34.80 -2.67 -16.01
CA THR A 607 -34.57 -2.32 -14.61
C THR A 607 -35.62 -3.02 -13.74
N ALA A 608 -35.66 -2.65 -12.46
CA ALA A 608 -36.63 -3.22 -11.53
C ALA A 608 -38.02 -2.74 -11.91
N GLY A 609 -38.88 -3.67 -12.35
CA GLY A 609 -40.22 -3.35 -12.75
C GLY A 609 -40.33 -3.16 -14.25
N GLY A 610 -39.71 -4.07 -15.00
CA GLY A 610 -39.73 -3.98 -16.45
C GLY A 610 -38.87 -2.83 -16.89
N LYS A 611 -39.49 -1.77 -17.41
CA LYS A 611 -38.78 -0.57 -17.84
C LYS A 611 -37.72 -0.90 -18.89
N ASP A 612 -38.13 -1.66 -19.91
CA ASP A 612 -37.21 -2.01 -20.98
C ASP A 612 -36.51 -0.76 -21.49
N VAL A 613 -35.21 -0.86 -21.75
CA VAL A 613 -34.46 0.28 -22.24
C VAL A 613 -33.25 -0.20 -23.02
N THR A 614 -33.04 0.39 -24.18
CA THR A 614 -31.92 0.07 -25.06
C THR A 614 -30.74 0.99 -24.73
N ILE A 615 -29.55 0.55 -25.14
CA ILE A 615 -28.32 1.32 -24.94
C ILE A 615 -27.60 1.28 -26.28
N GLU A 616 -27.85 2.29 -27.12
CA GLU A 616 -27.20 2.33 -28.42
C GLU A 616 -25.70 2.41 -28.21
N ALA A 617 -24.96 1.58 -28.93
CA ALA A 617 -23.51 1.59 -28.77
C ALA A 617 -22.86 1.03 -30.02
N ASP A 618 -21.63 1.50 -30.26
CA ASP A 618 -20.83 1.05 -31.40
C ASP A 618 -20.05 -0.22 -31.10
N ASN A 619 -19.90 -0.57 -29.82
CA ASN A 619 -19.17 -1.76 -29.41
C ASN A 619 -19.64 -2.19 -28.03
N VAL A 620 -20.07 -3.45 -27.91
CA VAL A 620 -20.53 -4.01 -26.64
C VAL A 620 -19.42 -4.91 -26.11
N VAL A 621 -19.04 -4.70 -24.85
CA VAL A 621 -17.96 -5.46 -24.23
C VAL A 621 -18.52 -6.35 -23.13
N VAL A 622 -18.44 -7.66 -23.32
CA VAL A 622 -18.91 -8.64 -22.33
C VAL A 622 -17.73 -8.87 -21.39
N ALA A 623 -17.78 -8.24 -20.23
CA ALA A 623 -16.71 -8.33 -19.24
C ALA A 623 -17.29 -8.59 -17.85
N GLU A 624 -18.19 -9.57 -17.75
CA GLU A 624 -18.78 -9.87 -16.45
C GLU A 624 -17.83 -10.67 -15.56
N GLY A 625 -16.95 -11.48 -16.13
CA GLY A 625 -16.03 -12.25 -15.33
C GLY A 625 -14.89 -12.80 -16.14
N MET A 626 -14.10 -13.66 -15.50
CA MET A 626 -12.95 -14.32 -16.09
C MET A 626 -13.03 -15.82 -15.86
N ASP A 627 -12.54 -16.57 -16.82
CA ASP A 627 -12.52 -18.03 -16.76
C ASP A 627 -11.07 -18.50 -16.62
N ALA A 628 -10.88 -19.55 -15.84
CA ALA A 628 -9.54 -20.11 -15.67
C ALA A 628 -9.13 -20.78 -16.97
N ASP A 629 -8.00 -20.32 -17.55
CA ASP A 629 -7.49 -20.90 -18.79
C ASP A 629 -6.77 -22.21 -18.50
N ASP A 630 -7.53 -23.16 -17.97
CA ASP A 630 -7.04 -24.48 -17.59
C ASP A 630 -7.21 -25.52 -18.68
N ALA A 631 -7.23 -25.11 -19.96
CA ALA A 631 -7.41 -26.07 -21.05
C ALA A 631 -6.23 -27.04 -21.13
N LEU A 632 -5.02 -26.50 -21.30
CA LEU A 632 -3.83 -27.33 -21.40
C LEU A 632 -3.66 -28.22 -20.18
N ALA A 633 -3.77 -27.62 -18.99
CA ALA A 633 -3.60 -28.38 -17.75
C ALA A 633 -4.47 -29.62 -17.74
N LYS A 634 -5.74 -29.48 -18.11
CA LYS A 634 -6.64 -30.62 -18.11
C LYS A 634 -6.36 -31.58 -19.26
N ALA A 635 -5.63 -31.14 -20.30
CA ALA A 635 -5.31 -32.03 -21.39
C ALA A 635 -4.13 -32.92 -21.04
N VAL A 636 -3.20 -32.42 -20.24
CA VAL A 636 -2.03 -33.18 -19.80
C VAL A 636 -2.25 -33.48 -18.32
N GLY A 637 -2.53 -34.74 -17.99
CA GLY A 637 -2.76 -35.11 -16.61
C GLY A 637 -1.56 -34.91 -15.72
N THR A 638 -1.62 -35.46 -14.51
CA THR A 638 -0.51 -35.36 -13.57
C THR A 638 0.55 -36.44 -13.82
N LYS A 639 0.45 -37.17 -14.93
CA LYS A 639 1.40 -38.20 -15.27
C LYS A 639 2.34 -37.81 -16.39
N ILE A 640 2.10 -36.68 -17.07
CA ILE A 640 2.97 -36.26 -18.16
C ILE A 640 4.39 -35.98 -17.65
N ALA A 641 4.51 -35.52 -16.41
CA ALA A 641 5.82 -35.24 -15.83
C ALA A 641 5.85 -35.73 -14.38
N PRO A 642 7.03 -36.11 -13.89
CA PRO A 642 7.11 -36.61 -12.50
C PRO A 642 6.39 -35.72 -11.50
N GLU A 643 6.33 -34.42 -11.76
CA GLU A 643 5.66 -33.48 -10.86
C GLU A 643 5.01 -32.41 -11.73
N VAL A 644 3.69 -32.31 -11.64
CA VAL A 644 2.92 -31.33 -12.40
C VAL A 644 2.20 -30.42 -11.41
N TYR A 645 2.18 -29.12 -11.71
CA TYR A 645 1.53 -28.17 -10.84
C TYR A 645 0.89 -27.07 -11.68
N SER A 646 -0.16 -26.46 -11.12
CA SER A 646 -0.88 -25.37 -11.75
C SER A 646 -0.98 -24.23 -10.74
N ILE A 647 -0.59 -23.04 -11.16
CA ILE A 647 -0.60 -21.86 -10.29
C ILE A 647 -1.24 -20.69 -11.03
N GLY A 648 -1.55 -19.65 -10.26
CA GLY A 648 -2.17 -18.47 -10.83
C GLY A 648 -3.65 -18.67 -11.10
N ASP A 649 -4.18 -17.83 -11.99
CA ASP A 649 -5.59 -17.90 -12.32
C ASP A 649 -5.99 -19.20 -13.01
N CYS A 650 -5.05 -19.96 -13.59
CA CYS A 650 -5.47 -21.20 -14.25
C CYS A 650 -5.91 -22.23 -13.22
N ALA A 651 -5.36 -22.18 -12.00
CA ALA A 651 -5.71 -23.09 -10.94
C ALA A 651 -6.90 -22.59 -10.12
N GLY A 652 -7.62 -21.62 -10.65
CA GLY A 652 -8.76 -21.00 -9.99
C GLY A 652 -8.53 -19.50 -10.11
N VAL A 653 -9.47 -18.82 -10.77
CA VAL A 653 -9.32 -17.39 -10.98
C VAL A 653 -9.34 -16.64 -9.66
N ARG A 654 -8.29 -15.84 -9.46
CA ARG A 654 -8.10 -14.97 -8.30
C ARG A 654 -7.59 -13.66 -8.87
N LYS A 655 -7.08 -12.78 -8.03
CA LYS A 655 -6.55 -11.51 -8.52
C LYS A 655 -5.02 -11.56 -8.55
N LEU A 656 -4.42 -10.48 -9.06
CA LEU A 656 -2.97 -10.40 -9.19
C LEU A 656 -2.25 -10.74 -7.89
N TYR A 657 -2.77 -10.28 -6.76
CA TYR A 657 -2.11 -10.54 -5.48
C TYR A 657 -1.98 -12.04 -5.23
N GLU A 658 -3.05 -12.80 -5.42
CA GLU A 658 -2.98 -14.23 -5.20
C GLU A 658 -2.15 -14.95 -6.27
N ALA A 659 -1.79 -14.26 -7.36
CA ALA A 659 -1.01 -14.89 -8.43
C ALA A 659 0.49 -14.87 -8.09
N ILE A 660 1.01 -13.72 -7.67
CA ILE A 660 2.42 -13.63 -7.32
C ILE A 660 2.70 -14.49 -6.10
N HIS A 661 1.78 -14.50 -5.13
CA HIS A 661 1.95 -15.33 -3.94
C HIS A 661 2.04 -16.79 -4.31
N ASP A 662 1.17 -17.24 -5.22
CA ASP A 662 1.22 -18.64 -5.64
C ASP A 662 2.55 -18.94 -6.31
N GLY A 663 3.06 -17.99 -7.09
CA GLY A 663 4.32 -18.19 -7.78
C GLY A 663 5.48 -18.38 -6.83
N TYR A 664 5.60 -17.49 -5.84
CA TYR A 664 6.69 -17.61 -4.88
C TYR A 664 6.47 -18.80 -3.96
N LYS A 665 5.21 -19.10 -3.60
CA LYS A 665 4.98 -20.28 -2.77
C LYS A 665 5.38 -21.54 -3.52
N MET A 666 5.42 -21.47 -4.86
CA MET A 666 5.79 -22.58 -5.72
C MET A 666 7.29 -22.60 -5.97
N GLY A 667 7.90 -21.42 -6.14
CA GLY A 667 9.33 -21.36 -6.38
C GLY A 667 10.17 -21.90 -5.24
N VAL A 668 9.69 -21.77 -4.00
CA VAL A 668 10.45 -22.26 -2.85
C VAL A 668 10.14 -23.70 -2.46
N LYS A 669 9.10 -24.31 -3.04
CA LYS A 669 8.75 -25.68 -2.72
C LYS A 669 9.25 -26.72 -3.72
N ILE A 670 9.91 -26.28 -4.79
CA ILE A 670 10.46 -27.20 -5.83
C ILE A 670 11.71 -27.84 -5.26
N ARG A 671 11.54 -28.95 -4.55
CA ARG A 671 12.62 -29.76 -3.92
C ARG A 671 13.03 -30.86 -4.89
N GLY A 672 12.05 -31.66 -5.31
CA GLY A 672 12.19 -32.79 -6.24
C GLY A 672 11.34 -33.97 -5.79
#